data_7KUQ
#
_entry.id   7KUQ
#
_cell.length_a   80.509
_cell.length_b   80.509
_cell.length_c   249.380
_cell.angle_alpha   90.000
_cell.angle_beta   90.000
_cell.angle_gamma   120.000
#
_symmetry.space_group_name_H-M   'P 31 2 1'
#
loop_
_entity.id
_entity.type
_entity.pdbx_description
1 polymer 'Polyamine deacetylase HDAC10'
2 non-polymer N-{4-[(3-aminopropyl)amino]butyl}acetamide
3 non-polymer 'ZINC ION'
4 non-polymer 'POTASSIUM ION'
5 non-polymer 'PHOSPHATE ION'
6 non-polymer 'SODIUM ION'
7 water water
#
_entity_poly.entity_id   1
_entity_poly.type   'polypeptide(L)'
_entity_poly.pdbx_seq_one_letter_code
;SNAASGSALIFDEEMSRYKLLWTDPECEIEVPERLTVSYEALRTHGLAQRCKAVPVRQATEQEILLAHSEEYLEAVKQTP
GMNVEELMAFSKKYNAVYFHQNIYHCAKLAAGATLQLVDSVMKREVRNGMALVRPPGHHSQRSAANGFCVFNNVAFAALY
AKKNYNLNRILIVDWDVHHGQGIQYCFEEDPSVLYFSWHRYEHQSFWPNLPESDYSSVGKGKGSGFNINLPWNKVGMTNS
DYLAAFFHVLLPVAYEFDPELVIVSAGFDSAIGDPEGEMCALPEIFAHLTHLLMPLAAGKMCVVLEGGFNLTSLGQSVCQ
TVHSLLGDPTPRISGLGTACDSALESIQNVRNVQSSYWSSFKHLAQSETNPKRPRLDATNGGPKESSEPASESNPKKTAQ
DIVWPEPLKRMPASVRTVVVPPPGVELTLPKNCQHSGDISESTAKEVQRIRDKHFHDLTDQNILRSLGNIISVLDRMMRS
DEVCNGCVVVSDLSVSVQCALQHALTEPAERVLVVYVGDGELPVKTNDGKVFLVQICTKETEDKCVNRLTLCLREGESLT
AGFMQALLGLILPVAYEFNPALVLGIVEETAAKTRLMRVWGHMTCLIQGLARGRMLTLLQGYDKDLLELTVSALSGASIS
PLGPLRAPKPEDVEMMEKQRQRLQERWGLLRCTVSESW
;
_entity_poly.pdbx_strand_id   A
#
# COMPACT_ATOMS: atom_id res chain seq x y z
N ALA A 3 16.29 8.62 -8.49
CA ALA A 3 16.34 9.69 -9.48
C ALA A 3 15.13 9.67 -10.41
N ALA A 4 14.45 8.53 -10.49
CA ALA A 4 13.38 8.37 -11.47
C ALA A 4 12.12 9.14 -11.06
N SER A 5 11.33 9.54 -12.06
CA SER A 5 10.12 10.31 -11.86
C SER A 5 9.06 9.82 -12.85
N GLY A 6 7.81 10.11 -12.54
CA GLY A 6 6.71 9.79 -13.43
C GLY A 6 6.13 8.40 -13.22
N SER A 7 4.96 8.19 -13.82
CA SER A 7 4.20 6.94 -13.74
C SER A 7 3.81 6.53 -15.16
N ALA A 8 4.25 5.37 -15.60
CA ALA A 8 3.88 4.88 -16.93
C ALA A 8 2.43 4.38 -16.93
N LEU A 9 1.68 4.73 -17.98
CA LEU A 9 0.37 4.17 -18.24
C LEU A 9 0.42 3.47 -19.59
N ILE A 10 0.21 2.15 -19.59
CA ILE A 10 0.36 1.36 -20.80
C ILE A 10 -0.99 0.77 -21.15
N PHE A 11 -1.49 1.11 -22.33
CA PHE A 11 -2.85 0.77 -22.73
C PHE A 11 -2.92 0.77 -24.25
N ASP A 12 -3.75 -0.11 -24.81
CA ASP A 12 -4.05 -0.03 -26.24
C ASP A 12 -5.44 -0.57 -26.53
N GLU A 13 -6.19 0.17 -27.36
CA GLU A 13 -7.55 -0.22 -27.71
C GLU A 13 -7.61 -1.55 -28.42
N GLU A 14 -6.52 -1.98 -29.06
CA GLU A 14 -6.56 -3.24 -29.78
C GLU A 14 -6.99 -4.37 -28.83
N MET A 15 -6.55 -4.31 -27.58
CA MET A 15 -6.89 -5.34 -26.60
C MET A 15 -8.38 -5.37 -26.25
N SER A 16 -9.17 -4.39 -26.68
CA SER A 16 -10.60 -4.49 -26.50
C SER A 16 -11.29 -5.11 -27.71
N ARG A 17 -10.54 -5.65 -28.67
CA ARG A 17 -11.10 -6.12 -29.93
C ARG A 17 -11.12 -7.64 -30.01
N TYR A 18 -11.47 -8.29 -28.91
CA TYR A 18 -11.88 -9.68 -28.89
C TYR A 18 -12.96 -9.80 -27.84
N LYS A 19 -13.85 -10.78 -28.02
CA LYS A 19 -14.94 -10.93 -27.08
C LYS A 19 -15.54 -12.33 -27.24
N LEU A 20 -16.54 -12.60 -26.40
CA LEU A 20 -17.25 -13.88 -26.40
C LEU A 20 -18.25 -13.94 -27.56
N LEU A 21 -18.23 -15.05 -28.32
CA LEU A 21 -19.03 -15.16 -29.53
C LEU A 21 -20.20 -16.12 -29.41
N TRP A 22 -20.38 -16.74 -28.25
CA TRP A 22 -21.49 -17.67 -28.04
C TRP A 22 -21.95 -17.48 -26.61
N THR A 23 -23.12 -17.99 -26.31
CA THR A 23 -23.66 -17.80 -24.98
C THR A 23 -22.94 -18.72 -24.00
N ASP A 24 -22.59 -18.17 -22.84
CA ASP A 24 -21.83 -18.85 -21.80
C ASP A 24 -21.88 -17.98 -20.56
N PRO A 25 -22.78 -18.26 -19.60
CA PRO A 25 -22.92 -17.36 -18.45
C PRO A 25 -21.67 -17.28 -17.60
N GLU A 26 -20.85 -18.33 -17.58
CA GLU A 26 -19.62 -18.30 -16.79
C GLU A 26 -18.63 -17.28 -17.32
N CYS A 27 -18.64 -17.01 -18.63
CA CYS A 27 -17.68 -16.13 -19.27
C CYS A 27 -18.23 -14.77 -19.63
N GLU A 28 -19.55 -14.60 -19.58
CA GLU A 28 -20.17 -13.42 -20.15
C GLU A 28 -19.81 -12.15 -19.41
N ILE A 29 -19.27 -12.26 -18.19
CA ILE A 29 -18.84 -11.07 -17.45
C ILE A 29 -17.56 -10.43 -17.99
N GLU A 30 -16.75 -11.16 -18.77
CA GLU A 30 -15.44 -10.64 -19.19
C GLU A 30 -15.62 -9.96 -20.54
N VAL A 31 -15.65 -8.63 -20.55
CA VAL A 31 -16.12 -7.91 -21.74
C VAL A 31 -15.08 -6.88 -22.16
N PRO A 32 -15.11 -6.46 -23.43
CA PRO A 32 -14.18 -5.42 -23.89
C PRO A 32 -14.34 -4.10 -23.17
N GLU A 33 -15.55 -3.79 -22.69
CA GLU A 33 -15.82 -2.53 -22.01
C GLU A 33 -15.04 -2.37 -20.71
N ARG A 34 -14.58 -3.47 -20.09
CA ARG A 34 -13.72 -3.34 -18.91
C ARG A 34 -12.53 -2.43 -19.20
N LEU A 35 -11.89 -2.61 -20.35
CA LEU A 35 -10.74 -1.79 -20.71
C LEU A 35 -11.14 -0.36 -21.04
N THR A 36 -12.16 -0.18 -21.88
CA THR A 36 -12.49 1.17 -22.32
C THR A 36 -13.07 2.00 -21.18
N VAL A 37 -13.91 1.40 -20.35
CA VAL A 37 -14.45 2.12 -19.20
C VAL A 37 -13.32 2.53 -18.25
N SER A 38 -12.31 1.68 -18.10
CA SER A 38 -11.22 2.05 -17.19
C SER A 38 -10.37 3.18 -17.76
N TYR A 39 -10.00 3.09 -19.03
CA TYR A 39 -9.20 4.16 -19.61
C TYR A 39 -10.01 5.46 -19.65
N GLU A 40 -11.30 5.36 -19.96
CA GLU A 40 -12.16 6.53 -19.98
C GLU A 40 -12.26 7.20 -18.62
N ALA A 41 -12.33 6.41 -17.53
CA ALA A 41 -12.31 7.01 -16.20
C ALA A 41 -10.98 7.68 -15.89
N LEU A 42 -9.87 7.11 -16.37
CA LEU A 42 -8.59 7.78 -16.17
C LEU A 42 -8.54 9.10 -16.94
N ARG A 43 -9.09 9.12 -18.15
CA ARG A 43 -9.14 10.37 -18.90
C ARG A 43 -10.08 11.36 -18.23
N THR A 44 -11.26 10.89 -17.79
CA THR A 44 -12.23 11.77 -17.17
C THR A 44 -11.63 12.53 -16.00
N HIS A 45 -10.83 11.86 -15.18
CA HIS A 45 -10.29 12.43 -13.95
C HIS A 45 -8.92 13.04 -14.14
N GLY A 46 -8.45 13.17 -15.38
CA GLY A 46 -7.20 13.85 -15.65
C GLY A 46 -5.96 13.04 -15.36
N LEU A 47 -6.11 11.73 -15.13
CA LEU A 47 -4.99 10.90 -14.70
C LEU A 47 -4.17 10.39 -15.87
N ALA A 48 -4.83 9.92 -16.93
CA ALA A 48 -4.08 9.44 -18.07
C ALA A 48 -3.16 10.51 -18.62
N GLN A 49 -3.65 11.76 -18.68
CA GLN A 49 -2.85 12.84 -19.24
C GLN A 49 -1.61 13.13 -18.43
N ARG A 50 -1.61 12.79 -17.13
CA ARG A 50 -0.46 13.00 -16.27
C ARG A 50 0.51 11.82 -16.25
N CYS A 51 0.20 10.75 -16.98
CA CYS A 51 1.04 9.56 -17.03
C CYS A 51 1.86 9.57 -18.31
N LYS A 52 3.03 8.95 -18.26
CA LYS A 52 3.79 8.72 -19.49
C LYS A 52 3.17 7.56 -20.26
N ALA A 53 2.68 7.84 -21.47
CA ALA A 53 2.14 6.78 -22.32
C ALA A 53 3.31 6.00 -22.92
N VAL A 54 3.38 4.72 -22.62
CA VAL A 54 4.37 3.81 -23.19
C VAL A 54 3.62 2.87 -24.12
N PRO A 55 4.06 2.70 -25.35
CA PRO A 55 3.27 1.89 -26.29
C PRO A 55 3.37 0.42 -25.92
N VAL A 56 2.37 -0.34 -26.36
CA VAL A 56 2.38 -1.78 -26.16
C VAL A 56 3.22 -2.42 -27.27
N ARG A 57 3.66 -3.64 -27.02
CA ARG A 57 4.38 -4.44 -28.00
C ARG A 57 3.91 -5.88 -27.86
N GLN A 58 4.24 -6.71 -28.85
CA GLN A 58 4.00 -8.14 -28.73
C GLN A 58 5.07 -8.76 -27.86
N ALA A 59 4.65 -9.67 -26.99
CA ALA A 59 5.61 -10.58 -26.40
C ALA A 59 6.14 -11.46 -27.52
N THR A 60 7.45 -11.72 -27.51
CA THR A 60 8.04 -12.63 -28.48
C THR A 60 7.82 -14.08 -28.04
N GLU A 61 8.08 -14.99 -28.98
CA GLU A 61 7.86 -16.39 -28.70
C GLU A 61 8.81 -16.89 -27.63
N GLN A 62 10.06 -16.41 -27.64
CA GLN A 62 11.00 -16.77 -26.59
C GLN A 62 10.53 -16.25 -25.24
N GLU A 63 9.95 -15.05 -25.21
CA GLU A 63 9.43 -14.50 -23.96
C GLU A 63 8.24 -15.33 -23.44
N ILE A 64 7.29 -15.68 -24.33
CA ILE A 64 6.21 -16.58 -23.96
C ILE A 64 6.75 -17.88 -23.39
N LEU A 65 7.82 -18.42 -23.99
CA LEU A 65 8.33 -19.70 -23.54
C LEU A 65 8.98 -19.64 -22.17
N LEU A 66 9.16 -18.45 -21.59
CA LEU A 66 9.66 -18.38 -20.22
C LEU A 66 8.72 -19.08 -19.25
N ALA A 67 7.42 -19.05 -19.54
CA ALA A 67 6.40 -19.55 -18.62
C ALA A 67 5.48 -20.59 -19.24
N HIS A 68 5.54 -20.83 -20.54
CA HIS A 68 4.59 -21.73 -21.17
C HIS A 68 5.33 -22.72 -22.05
N SER A 69 4.69 -23.85 -22.30
CA SER A 69 5.24 -24.94 -23.08
C SER A 69 5.04 -24.69 -24.57
N GLU A 70 5.95 -25.25 -25.39
CA GLU A 70 5.85 -25.11 -26.84
C GLU A 70 4.56 -25.73 -27.35
N GLU A 71 4.12 -26.83 -26.74
CA GLU A 71 2.87 -27.46 -27.15
C GLU A 71 1.70 -26.51 -26.94
N TYR A 72 1.62 -25.89 -25.77
CA TYR A 72 0.54 -24.94 -25.51
C TYR A 72 0.62 -23.77 -26.47
N LEU A 73 1.81 -23.14 -26.55
CA LEU A 73 1.98 -22.01 -27.45
C LEU A 73 1.57 -22.38 -28.87
N GLU A 74 2.04 -23.52 -29.38
CA GLU A 74 1.68 -23.93 -30.73
C GLU A 74 0.17 -24.08 -30.87
N ALA A 75 -0.51 -24.61 -29.86
CA ALA A 75 -1.95 -24.77 -29.98
C ALA A 75 -2.65 -23.40 -30.05
N VAL A 76 -2.22 -22.46 -29.21
CA VAL A 76 -2.86 -21.16 -29.19
C VAL A 76 -2.59 -20.42 -30.50
N LYS A 77 -1.37 -20.56 -31.05
CA LYS A 77 -1.01 -19.95 -32.33
C LYS A 77 -1.95 -20.34 -33.47
N GLN A 78 -2.71 -21.43 -33.32
CA GLN A 78 -3.62 -21.86 -34.37
C GLN A 78 -4.99 -21.21 -34.26
N THR A 79 -5.31 -20.62 -33.13
CA THR A 79 -6.67 -20.08 -32.97
C THR A 79 -6.99 -18.90 -33.90
N PRO A 80 -6.02 -18.11 -34.40
CA PRO A 80 -6.42 -17.07 -35.39
C PRO A 80 -7.07 -17.65 -36.64
N GLY A 81 -6.69 -18.87 -37.06
CA GLY A 81 -7.26 -19.49 -38.22
C GLY A 81 -8.56 -20.25 -38.04
N MET A 82 -9.11 -20.31 -36.83
CA MET A 82 -10.29 -21.10 -36.53
C MET A 82 -11.58 -20.30 -36.76
N ASN A 83 -12.61 -20.97 -37.27
CA ASN A 83 -13.95 -20.39 -37.25
C ASN A 83 -14.56 -20.56 -35.86
N VAL A 84 -15.79 -20.07 -35.69
CA VAL A 84 -16.37 -19.99 -34.35
C VAL A 84 -16.62 -21.40 -33.79
N GLU A 85 -17.06 -22.33 -34.63
CA GLU A 85 -17.23 -23.72 -34.21
C GLU A 85 -15.92 -24.28 -33.66
N GLU A 86 -14.82 -24.07 -34.38
CA GLU A 86 -13.54 -24.58 -33.91
C GLU A 86 -13.09 -23.84 -32.66
N LEU A 87 -13.49 -22.58 -32.50
CA LEU A 87 -13.06 -21.82 -31.34
C LEU A 87 -13.78 -22.30 -30.09
N MET A 88 -15.07 -22.62 -30.22
CA MET A 88 -15.81 -23.16 -29.08
C MET A 88 -15.28 -24.52 -28.67
N ALA A 89 -14.97 -25.39 -29.64
CA ALA A 89 -14.41 -26.70 -29.32
C ALA A 89 -13.04 -26.57 -28.67
N PHE A 90 -12.22 -25.62 -29.14
CA PHE A 90 -10.92 -25.38 -28.50
C PHE A 90 -11.11 -24.85 -27.08
N SER A 91 -12.03 -23.89 -26.93
CA SER A 91 -12.30 -23.30 -25.62
C SER A 91 -12.70 -24.36 -24.59
N LYS A 92 -13.55 -25.31 -24.99
CA LYS A 92 -14.08 -26.33 -24.10
C LYS A 92 -13.02 -27.29 -23.58
N LYS A 93 -11.80 -27.26 -24.10
CA LYS A 93 -10.71 -28.06 -23.52
C LYS A 93 -10.17 -27.46 -22.23
N TYR A 94 -10.65 -26.29 -21.83
CA TYR A 94 -10.11 -25.59 -20.69
C TYR A 94 -11.25 -25.14 -19.79
N ASN A 95 -10.87 -24.65 -18.62
CA ASN A 95 -11.81 -24.26 -17.58
C ASN A 95 -12.07 -22.75 -17.61
N ALA A 96 -13.31 -22.39 -17.92
CA ALA A 96 -13.81 -21.02 -17.81
C ALA A 96 -12.99 -20.06 -18.66
N VAL A 97 -12.96 -20.33 -19.96
CA VAL A 97 -12.16 -19.50 -20.86
C VAL A 97 -12.74 -19.60 -22.27
N TYR A 98 -12.73 -18.48 -23.00
CA TYR A 98 -13.21 -18.46 -24.37
C TYR A 98 -12.11 -17.94 -25.28
N PHE A 99 -12.21 -18.29 -26.55
CA PHE A 99 -11.22 -17.89 -27.52
C PHE A 99 -11.89 -17.12 -28.65
N HIS A 100 -11.10 -16.34 -29.35
CA HIS A 100 -11.58 -15.43 -30.39
C HIS A 100 -10.43 -15.27 -31.37
N GLN A 101 -10.75 -14.99 -32.63
CA GLN A 101 -9.69 -14.96 -33.64
C GLN A 101 -8.59 -13.96 -33.32
N ASN A 102 -8.91 -12.92 -32.57
CA ASN A 102 -7.92 -11.93 -32.21
C ASN A 102 -7.30 -12.14 -30.84
N ILE A 103 -7.69 -13.19 -30.10
CA ILE A 103 -7.27 -13.24 -28.70
C ILE A 103 -5.80 -13.62 -28.56
N TYR A 104 -5.26 -14.42 -29.51
CA TYR A 104 -3.83 -14.72 -29.46
C TYR A 104 -3.01 -13.45 -29.63
N HIS A 105 -3.42 -12.61 -30.59
CA HIS A 105 -2.80 -11.31 -30.81
C HIS A 105 -2.90 -10.45 -29.56
N CYS A 106 -4.10 -10.33 -28.99
CA CYS A 106 -4.23 -9.52 -27.77
C CYS A 106 -3.46 -10.09 -26.60
N ALA A 107 -3.41 -11.43 -26.49
CA ALA A 107 -2.65 -12.01 -25.39
C ALA A 107 -1.18 -11.67 -25.54
N LYS A 108 -0.65 -11.73 -26.77
CA LYS A 108 0.73 -11.29 -26.96
C LYS A 108 0.92 -9.82 -26.62
N LEU A 109 -0.11 -8.99 -26.86
CA LEU A 109 -0.08 -7.58 -26.48
C LEU A 109 -0.11 -7.37 -24.96
N ALA A 110 -1.05 -8.02 -24.25
CA ALA A 110 -1.13 -7.91 -22.79
C ALA A 110 0.19 -8.26 -22.15
N ALA A 111 0.81 -9.34 -22.65
CA ALA A 111 2.10 -9.78 -22.15
C ALA A 111 3.21 -8.78 -22.48
N GLY A 112 3.27 -8.31 -23.75
CA GLY A 112 4.29 -7.31 -24.09
C GLY A 112 4.10 -6.01 -23.33
N ALA A 113 2.84 -5.61 -23.13
CA ALA A 113 2.54 -4.39 -22.37
C ALA A 113 3.14 -4.45 -20.98
N THR A 114 3.04 -5.63 -20.34
CA THR A 114 3.64 -5.84 -19.03
C THR A 114 5.15 -5.75 -19.11
N LEU A 115 5.74 -6.37 -20.13
CA LEU A 115 7.20 -6.29 -20.27
C LEU A 115 7.65 -4.86 -20.53
N GLN A 116 6.88 -4.10 -21.34
CA GLN A 116 7.15 -2.66 -21.51
C GLN A 116 7.16 -1.95 -20.15
N LEU A 117 6.22 -2.32 -19.26
CA LEU A 117 6.15 -1.69 -17.95
C LEU A 117 7.37 -2.05 -17.12
N VAL A 118 7.79 -3.31 -17.16
CA VAL A 118 8.95 -3.72 -16.37
C VAL A 118 10.20 -3.00 -16.84
N ASP A 119 10.40 -2.91 -18.16
CA ASP A 119 11.55 -2.18 -18.69
C ASP A 119 11.49 -0.70 -18.31
N SER A 120 10.32 -0.06 -18.42
CA SER A 120 10.24 1.36 -18.08
C SER A 120 10.61 1.61 -16.62
N VAL A 121 10.20 0.72 -15.71
CA VAL A 121 10.51 0.94 -14.30
C VAL A 121 11.95 0.54 -13.98
N MET A 122 12.41 -0.59 -14.51
CA MET A 122 13.77 -1.05 -14.21
C MET A 122 14.84 -0.22 -14.90
N LYS A 123 14.52 0.44 -16.01
CA LYS A 123 15.45 1.37 -16.62
C LYS A 123 15.41 2.75 -15.99
N ARG A 124 14.60 2.95 -14.95
CA ARG A 124 14.44 4.24 -14.27
C ARG A 124 13.88 5.31 -15.20
N GLU A 125 13.14 4.91 -16.24
CA GLU A 125 12.47 5.91 -17.06
C GLU A 125 11.24 6.46 -16.39
N VAL A 126 10.63 5.69 -15.49
CA VAL A 126 9.54 6.13 -14.63
C VAL A 126 9.75 5.49 -13.26
N ARG A 127 9.08 6.06 -12.26
CA ARG A 127 9.12 5.49 -10.91
C ARG A 127 8.34 4.18 -10.84
N ASN A 128 7.21 4.11 -11.54
CA ASN A 128 6.24 3.04 -11.37
C ASN A 128 5.27 3.13 -12.55
N GLY A 129 4.26 2.27 -12.55
CA GLY A 129 3.30 2.38 -13.63
C GLY A 129 2.22 1.34 -13.54
N MET A 130 1.30 1.42 -14.48
CA MET A 130 0.18 0.48 -14.57
C MET A 130 -0.07 0.10 -16.02
N ALA A 131 -0.31 -1.18 -16.26
CA ALA A 131 -0.73 -1.67 -17.56
C ALA A 131 -2.20 -2.06 -17.49
N LEU A 132 -3.00 -1.49 -18.39
CA LEU A 132 -4.39 -1.87 -18.56
C LEU A 132 -4.43 -2.82 -19.73
N VAL A 133 -4.61 -4.12 -19.44
CA VAL A 133 -4.43 -5.20 -20.40
C VAL A 133 -5.61 -6.15 -20.32
N ARG A 134 -6.00 -6.66 -21.50
CA ARG A 134 -6.84 -7.84 -21.72
C ARG A 134 -6.12 -8.73 -22.72
N PRO A 135 -6.17 -10.06 -22.56
CA PRO A 135 -6.80 -10.80 -21.45
C PRO A 135 -5.97 -10.72 -20.17
N PRO A 136 -6.59 -11.05 -19.01
CA PRO A 136 -5.81 -11.18 -17.76
C PRO A 136 -4.87 -12.39 -17.78
N GLY A 137 -4.07 -12.58 -16.73
CA GLY A 137 -3.04 -13.59 -16.84
C GLY A 137 -2.90 -14.60 -15.70
N HIS A 138 -3.35 -14.26 -14.49
CA HIS A 138 -2.83 -14.95 -13.32
C HIS A 138 -3.38 -16.36 -13.13
N HIS A 139 -4.47 -16.72 -13.81
CA HIS A 139 -4.94 -18.09 -13.77
C HIS A 139 -4.21 -18.99 -14.77
N SER A 140 -3.58 -18.44 -15.80
CA SER A 140 -3.02 -19.31 -16.82
C SER A 140 -1.73 -19.97 -16.33
N GLN A 141 -1.45 -21.12 -16.92
CA GLN A 141 -0.49 -22.10 -16.45
C GLN A 141 0.35 -22.55 -17.64
N ARG A 142 1.36 -23.37 -17.33
N ARG A 142 1.36 -23.37 -17.32
CA ARG A 142 2.39 -23.75 -18.30
CA ARG A 142 2.39 -23.75 -18.30
C ARG A 142 1.78 -24.25 -19.61
C ARG A 142 1.78 -24.25 -19.61
N SER A 143 0.75 -25.09 -19.53
CA SER A 143 0.13 -25.66 -20.72
C SER A 143 -1.38 -25.57 -20.72
N ALA A 144 -1.96 -24.53 -20.10
CA ALA A 144 -3.41 -24.41 -20.14
C ALA A 144 -3.87 -22.97 -19.97
N ALA A 145 -4.88 -22.61 -20.74
CA ALA A 145 -5.63 -21.40 -20.48
C ALA A 145 -6.64 -21.70 -19.38
N ASN A 146 -6.91 -20.68 -18.55
CA ASN A 146 -7.75 -20.86 -17.38
C ASN A 146 -8.35 -19.52 -16.98
N GLY A 147 -9.63 -19.53 -16.63
CA GLY A 147 -10.30 -18.37 -16.02
C GLY A 147 -10.07 -17.04 -16.74
N PHE A 148 -10.45 -16.98 -18.03
CA PHE A 148 -10.28 -15.84 -18.92
C PHE A 148 -8.82 -15.55 -19.28
N CYS A 149 -7.85 -16.30 -18.75
CA CYS A 149 -6.43 -16.05 -18.96
C CYS A 149 -5.84 -16.98 -20.02
N VAL A 150 -4.98 -16.41 -20.88
CA VAL A 150 -4.30 -17.15 -21.95
C VAL A 150 -2.85 -17.40 -21.57
N PHE A 151 -2.11 -16.32 -21.31
CA PHE A 151 -0.70 -16.35 -20.92
C PHE A 151 -0.53 -15.59 -19.61
N ASN A 152 0.47 -15.97 -18.83
CA ASN A 152 0.54 -15.43 -17.48
C ASN A 152 1.38 -14.15 -17.48
N ASN A 153 0.68 -13.03 -17.72
CA ASN A 153 1.30 -11.72 -17.83
C ASN A 153 2.26 -11.42 -16.69
N VAL A 154 1.78 -11.57 -15.44
CA VAL A 154 2.58 -11.18 -14.28
C VAL A 154 3.74 -12.15 -14.06
N ALA A 155 3.49 -13.45 -14.26
CA ALA A 155 4.58 -14.41 -14.25
C ALA A 155 5.68 -14.00 -15.22
N PHE A 156 5.30 -13.66 -16.45
CA PHE A 156 6.26 -13.13 -17.43
C PHE A 156 7.11 -12.04 -16.83
N ALA A 157 6.47 -11.01 -16.28
CA ALA A 157 7.16 -9.85 -15.73
C ALA A 157 8.25 -10.27 -14.76
N ALA A 158 7.91 -11.15 -13.80
CA ALA A 158 8.91 -11.59 -12.83
C ALA A 158 10.05 -12.34 -13.49
N LEU A 159 9.73 -13.27 -14.39
CA LEU A 159 10.77 -14.07 -15.03
C LEU A 159 11.64 -13.20 -15.93
N TYR A 160 11.01 -12.29 -16.70
CA TYR A 160 11.75 -11.31 -17.49
C TYR A 160 12.64 -10.44 -16.61
N ALA A 161 12.12 -10.02 -15.45
CA ALA A 161 12.91 -9.15 -14.58
C ALA A 161 14.08 -9.90 -13.96
N LYS A 162 13.89 -11.19 -13.61
CA LYS A 162 15.00 -12.00 -13.12
C LYS A 162 16.08 -12.17 -14.18
N LYS A 163 15.66 -12.46 -15.41
CA LYS A 163 16.62 -12.80 -16.43
C LYS A 163 17.37 -11.57 -16.93
N ASN A 164 16.66 -10.46 -17.15
CA ASN A 164 17.25 -9.31 -17.82
C ASN A 164 17.80 -8.27 -16.86
N TYR A 165 17.44 -8.33 -15.58
CA TYR A 165 17.98 -7.39 -14.62
C TYR A 165 18.64 -8.09 -13.44
N ASN A 166 18.80 -9.41 -13.52
CA ASN A 166 19.46 -10.20 -12.48
C ASN A 166 18.94 -9.86 -11.08
N LEU A 167 17.63 -9.63 -10.97
CA LEU A 167 17.01 -9.40 -9.68
C LEU A 167 16.97 -10.69 -8.88
N ASN A 168 17.23 -10.60 -7.59
CA ASN A 168 17.16 -11.79 -6.75
C ASN A 168 15.91 -11.84 -5.87
N ARG A 169 15.15 -10.76 -5.76
CA ARG A 169 13.97 -10.76 -4.89
C ARG A 169 12.87 -9.94 -5.55
N ILE A 170 11.81 -10.63 -5.95
CA ILE A 170 10.62 -10.02 -6.54
C ILE A 170 9.41 -10.40 -5.69
N LEU A 171 8.61 -9.40 -5.31
CA LEU A 171 7.33 -9.59 -4.64
C LEU A 171 6.19 -9.44 -5.63
N ILE A 172 5.26 -10.38 -5.62
CA ILE A 172 4.03 -10.30 -6.41
C ILE A 172 2.86 -10.26 -5.43
N VAL A 173 2.12 -9.15 -5.43
CA VAL A 173 0.91 -9.01 -4.61
C VAL A 173 -0.28 -9.22 -5.53
N ASP A 174 -1.11 -10.23 -5.23
CA ASP A 174 -2.29 -10.55 -6.03
C ASP A 174 -3.51 -10.25 -5.17
N TRP A 175 -4.09 -9.07 -5.38
CA TRP A 175 -5.26 -8.64 -4.63
C TRP A 175 -6.53 -8.78 -5.43
N ASP A 176 -6.46 -9.42 -6.61
CA ASP A 176 -7.66 -9.90 -7.30
C ASP A 176 -8.43 -10.83 -6.36
N VAL A 177 -9.75 -10.93 -6.57
CA VAL A 177 -10.54 -11.75 -5.65
C VAL A 177 -10.40 -13.26 -5.88
N HIS A 178 -9.85 -13.68 -7.02
CA HIS A 178 -9.62 -15.10 -7.28
C HIS A 178 -8.17 -15.44 -6.99
N HIS A 179 -7.93 -16.73 -6.71
CA HIS A 179 -6.57 -17.19 -6.47
C HIS A 179 -5.81 -17.27 -7.79
N GLY A 180 -4.59 -16.73 -7.81
CA GLY A 180 -3.82 -16.85 -9.03
C GLY A 180 -2.97 -18.10 -9.04
N GLN A 181 -3.61 -19.26 -9.22
CA GLN A 181 -2.91 -20.55 -9.12
C GLN A 181 -1.80 -20.66 -10.17
N GLY A 182 -2.01 -20.10 -11.37
CA GLY A 182 -0.95 -20.12 -12.36
C GLY A 182 0.34 -19.51 -11.83
N ILE A 183 0.23 -18.38 -11.13
CA ILE A 183 1.43 -17.74 -10.56
C ILE A 183 2.01 -18.60 -9.46
N GLN A 184 1.13 -19.12 -8.59
CA GLN A 184 1.61 -20.01 -7.54
C GLN A 184 2.38 -21.20 -8.13
N TYR A 185 1.84 -21.84 -9.17
CA TYR A 185 2.53 -23.00 -9.73
C TYR A 185 3.87 -22.59 -10.31
N CYS A 186 3.91 -21.44 -10.97
CA CYS A 186 5.13 -21.01 -11.64
C CYS A 186 6.28 -20.87 -10.66
N PHE A 187 6.02 -20.28 -9.48
CA PHE A 187 7.06 -19.92 -8.54
C PHE A 187 7.06 -20.76 -7.25
N GLU A 188 6.21 -21.78 -7.16
CA GLU A 188 6.18 -22.76 -6.07
C GLU A 188 7.53 -23.06 -5.42
N GLU A 189 8.52 -23.44 -6.22
CA GLU A 189 9.83 -23.83 -5.73
C GLU A 189 10.87 -22.72 -5.77
N ASP A 190 10.48 -21.49 -6.15
CA ASP A 190 11.49 -20.45 -6.36
C ASP A 190 11.54 -19.48 -5.19
N PRO A 191 12.61 -19.48 -4.39
CA PRO A 191 12.67 -18.55 -3.26
C PRO A 191 12.91 -17.10 -3.66
N SER A 192 13.26 -16.82 -4.92
CA SER A 192 13.52 -15.45 -5.31
C SER A 192 12.23 -14.67 -5.64
N VAL A 193 11.09 -15.33 -5.75
CA VAL A 193 9.81 -14.66 -5.97
C VAL A 193 8.89 -14.95 -4.79
N LEU A 194 8.43 -13.91 -4.12
CA LEU A 194 7.49 -14.08 -3.01
C LEU A 194 6.11 -13.76 -3.56
N TYR A 195 5.21 -14.73 -3.49
CA TYR A 195 3.85 -14.60 -4.00
C TYR A 195 2.87 -14.53 -2.84
N PHE A 196 2.08 -13.47 -2.80
CA PHE A 196 1.02 -13.31 -1.81
C PHE A 196 -0.29 -13.20 -2.54
N SER A 197 -1.30 -13.94 -2.09
CA SER A 197 -2.64 -13.83 -2.66
C SER A 197 -3.69 -13.96 -1.56
N TRP A 198 -4.68 -13.08 -1.59
CA TRP A 198 -5.93 -13.31 -0.88
C TRP A 198 -6.96 -13.67 -1.91
N HIS A 199 -8.02 -14.37 -1.48
CA HIS A 199 -9.00 -14.80 -2.46
C HIS A 199 -10.23 -15.34 -1.77
N ARG A 200 -11.40 -15.04 -2.34
CA ARG A 200 -12.60 -15.74 -1.92
C ARG A 200 -12.38 -17.24 -2.11
N TYR A 201 -12.69 -18.01 -1.06
CA TYR A 201 -12.39 -19.43 -1.04
C TYR A 201 -13.59 -20.24 -0.56
N GLU A 202 -14.16 -19.81 0.56
CA GLU A 202 -15.35 -20.43 1.15
C GLU A 202 -15.13 -21.93 1.33
N HIS A 203 -13.99 -22.26 1.98
CA HIS A 203 -13.67 -23.64 2.34
C HIS A 203 -13.60 -24.53 1.10
N GLN A 204 -13.04 -23.98 0.03
CA GLN A 204 -12.79 -24.60 -1.26
C GLN A 204 -14.02 -24.65 -2.15
N SER A 205 -15.17 -24.09 -1.72
CA SER A 205 -16.37 -24.17 -2.55
C SER A 205 -16.43 -23.10 -3.64
N PHE A 206 -15.54 -22.12 -3.63
CA PHE A 206 -15.51 -21.09 -4.66
C PHE A 206 -14.43 -21.38 -5.70
N TRP A 207 -14.78 -21.15 -6.97
CA TRP A 207 -13.87 -21.34 -8.09
C TRP A 207 -12.51 -20.68 -7.80
N PRO A 208 -11.38 -21.33 -8.15
CA PRO A 208 -11.26 -22.61 -8.86
C PRO A 208 -11.28 -23.90 -7.99
N ASN A 209 -11.73 -23.81 -6.74
CA ASN A 209 -11.96 -25.02 -5.92
C ASN A 209 -10.70 -25.86 -5.72
N LEU A 210 -9.59 -25.21 -5.39
CA LEU A 210 -8.35 -25.99 -5.27
C LEU A 210 -7.94 -26.12 -3.82
N PRO A 211 -7.61 -27.35 -3.37
CA PRO A 211 -7.05 -27.49 -2.01
C PRO A 211 -5.76 -26.72 -1.82
N GLU A 212 -4.95 -26.58 -2.87
CA GLU A 212 -3.68 -25.86 -2.70
C GLU A 212 -3.84 -24.33 -2.69
N SER A 213 -5.07 -23.80 -2.78
CA SER A 213 -5.30 -22.38 -2.51
C SER A 213 -5.42 -22.07 -1.02
N ASP A 214 -5.40 -23.08 -0.15
CA ASP A 214 -5.53 -22.84 1.28
C ASP A 214 -4.24 -22.28 1.84
N TYR A 215 -4.34 -21.73 3.07
CA TYR A 215 -3.21 -21.17 3.80
C TYR A 215 -2.08 -22.18 4.02
N SER A 216 -2.35 -23.47 3.87
CA SER A 216 -1.34 -24.50 4.07
C SER A 216 -0.28 -24.53 3.00
N SER A 217 -0.57 -24.02 1.81
CA SER A 217 0.41 -24.06 0.72
C SER A 217 1.40 -22.92 0.93
N VAL A 218 2.62 -23.26 1.36
CA VAL A 218 3.63 -22.26 1.70
C VAL A 218 4.79 -22.24 0.71
N GLY A 219 4.65 -22.91 -0.43
CA GLY A 219 5.78 -23.20 -1.31
C GLY A 219 6.34 -24.60 -1.07
N LYS A 220 7.27 -24.99 -1.94
CA LYS A 220 7.88 -26.32 -1.91
C LYS A 220 9.40 -26.24 -2.02
N GLY A 221 10.06 -27.15 -1.31
CA GLY A 221 11.52 -27.22 -1.39
C GLY A 221 12.16 -25.91 -0.98
N LYS A 222 13.15 -25.46 -1.76
CA LYS A 222 13.81 -24.19 -1.48
C LYS A 222 12.84 -23.01 -1.48
N GLY A 223 11.66 -23.17 -2.04
CA GLY A 223 10.68 -22.11 -2.01
C GLY A 223 9.75 -22.11 -0.84
N SER A 224 9.94 -23.02 0.14
CA SER A 224 9.03 -23.08 1.28
C SER A 224 9.01 -21.76 2.02
N GLY A 225 7.82 -21.21 2.24
CA GLY A 225 7.66 -19.93 2.90
C GLY A 225 7.52 -18.74 1.98
N PHE A 226 7.77 -18.90 0.67
CA PHE A 226 7.62 -17.79 -0.26
C PHE A 226 6.34 -17.89 -1.07
N ASN A 227 5.40 -18.72 -0.63
CA ASN A 227 4.03 -18.69 -1.11
C ASN A 227 3.12 -18.42 0.08
N ILE A 228 2.29 -17.38 -0.02
CA ILE A 228 1.40 -17.00 1.09
C ILE A 228 -0.01 -16.84 0.54
N ASN A 229 -0.89 -17.76 0.95
CA ASN A 229 -2.30 -17.78 0.59
C ASN A 229 -3.14 -17.39 1.79
N LEU A 230 -4.00 -16.39 1.61
CA LEU A 230 -4.90 -15.90 2.65
C LEU A 230 -6.32 -16.07 2.13
N PRO A 231 -6.99 -17.18 2.47
CA PRO A 231 -8.34 -17.43 1.92
C PRO A 231 -9.39 -16.64 2.68
N TRP A 232 -10.36 -16.12 1.94
CA TRP A 232 -11.54 -15.48 2.53
C TRP A 232 -12.63 -16.53 2.56
N ASN A 233 -13.03 -16.93 3.76
CA ASN A 233 -13.96 -18.04 3.89
C ASN A 233 -15.41 -17.60 4.03
N LYS A 234 -15.67 -16.29 4.01
CA LYS A 234 -16.99 -15.72 3.80
C LYS A 234 -16.88 -14.58 2.79
N VAL A 235 -18.03 -14.22 2.21
CA VAL A 235 -18.14 -13.06 1.33
C VAL A 235 -18.38 -11.83 2.18
N GLY A 236 -18.39 -10.64 1.56
CA GLY A 236 -18.61 -9.42 2.30
C GLY A 236 -17.40 -8.87 3.04
N MET A 237 -16.20 -9.32 2.74
CA MET A 237 -15.04 -8.72 3.40
C MET A 237 -15.03 -7.21 3.17
N THR A 238 -14.49 -6.47 4.16
CA THR A 238 -14.61 -5.02 4.22
C THR A 238 -13.24 -4.37 4.19
N ASN A 239 -13.23 -3.03 4.17
CA ASN A 239 -11.99 -2.28 4.34
C ASN A 239 -11.17 -2.81 5.50
N SER A 240 -11.81 -3.04 6.66
CA SER A 240 -11.06 -3.49 7.83
C SER A 240 -10.39 -4.84 7.58
N ASP A 241 -11.13 -5.78 6.98
CA ASP A 241 -10.54 -7.07 6.67
C ASP A 241 -9.30 -6.92 5.80
N TYR A 242 -9.39 -6.08 4.76
CA TYR A 242 -8.28 -5.94 3.84
C TYR A 242 -7.08 -5.31 4.53
N LEU A 243 -7.31 -4.25 5.30
CA LEU A 243 -6.20 -3.60 5.98
C LEU A 243 -5.60 -4.50 7.06
N ALA A 244 -6.44 -5.27 7.77
CA ALA A 244 -5.93 -6.25 8.72
C ALA A 244 -5.01 -7.26 8.03
N ALA A 245 -5.40 -7.69 6.82
CA ALA A 245 -4.55 -8.62 6.07
C ALA A 245 -3.19 -7.98 5.75
N PHE A 246 -3.18 -6.69 5.36
CA PHE A 246 -1.90 -6.04 5.03
C PHE A 246 -1.02 -5.84 6.27
N PHE A 247 -1.57 -5.26 7.34
CA PHE A 247 -0.71 -4.94 8.50
C PHE A 247 -0.19 -6.19 9.20
N HIS A 248 -0.95 -7.29 9.16
CA HIS A 248 -0.65 -8.45 10.01
C HIS A 248 -0.15 -9.65 9.23
N VAL A 249 -0.21 -9.64 7.91
CA VAL A 249 0.37 -10.72 7.13
C VAL A 249 1.32 -10.17 6.06
N LEU A 250 0.76 -9.44 5.07
CA LEU A 250 1.54 -9.08 3.89
C LEU A 250 2.71 -8.17 4.23
N LEU A 251 2.41 -6.98 4.77
CA LEU A 251 3.47 -5.99 4.97
C LEU A 251 4.61 -6.46 5.86
N PRO A 252 4.36 -7.16 6.98
CA PRO A 252 5.51 -7.64 7.77
C PRO A 252 6.44 -8.52 6.95
N VAL A 253 5.89 -9.39 6.12
CA VAL A 253 6.73 -10.27 5.32
C VAL A 253 7.42 -9.48 4.21
N ALA A 254 6.72 -8.50 3.61
CA ALA A 254 7.27 -7.80 2.46
C ALA A 254 8.45 -6.91 2.87
N TYR A 255 8.32 -6.19 3.98
CA TYR A 255 9.44 -5.37 4.41
C TYR A 255 10.59 -6.23 4.90
N GLU A 256 10.31 -7.45 5.38
CA GLU A 256 11.38 -8.36 5.77
C GLU A 256 12.08 -8.95 4.54
N PHE A 257 11.29 -9.39 3.56
CA PHE A 257 11.82 -9.90 2.29
C PHE A 257 12.70 -8.86 1.58
N ASP A 258 12.28 -7.59 1.60
CA ASP A 258 12.96 -6.48 0.96
C ASP A 258 13.10 -6.72 -0.53
N PRO A 259 11.99 -6.70 -1.26
CA PRO A 259 12.06 -6.97 -2.69
C PRO A 259 12.79 -5.85 -3.44
N GLU A 260 13.35 -6.19 -4.60
CA GLU A 260 13.95 -5.22 -5.50
C GLU A 260 12.97 -4.73 -6.57
N LEU A 261 11.83 -5.39 -6.70
CA LEU A 261 10.76 -4.99 -7.59
C LEU A 261 9.44 -5.53 -7.04
N VAL A 262 8.40 -4.71 -7.07
CA VAL A 262 7.06 -5.15 -6.71
C VAL A 262 6.21 -5.24 -7.97
N ILE A 263 5.49 -6.35 -8.15
CA ILE A 263 4.51 -6.48 -9.22
C ILE A 263 3.15 -6.74 -8.57
N VAL A 264 2.13 -6.02 -9.02
CA VAL A 264 0.78 -6.18 -8.49
C VAL A 264 -0.09 -6.82 -9.57
N SER A 265 -0.67 -7.97 -9.23
CA SER A 265 -1.78 -8.58 -9.96
C SER A 265 -3.04 -7.91 -9.42
N ALA A 266 -3.47 -6.86 -10.12
CA ALA A 266 -4.47 -5.94 -9.60
C ALA A 266 -5.80 -6.26 -10.23
N GLY A 267 -6.54 -7.17 -9.61
CA GLY A 267 -7.93 -7.40 -9.97
C GLY A 267 -8.80 -6.62 -9.01
N PHE A 268 -9.85 -6.01 -9.56
CA PHE A 268 -10.78 -5.20 -8.78
C PHE A 268 -12.12 -5.90 -8.63
N ASP A 269 -12.19 -7.19 -8.99
CA ASP A 269 -13.30 -8.00 -8.54
C ASP A 269 -13.27 -8.16 -7.01
N SER A 270 -12.26 -7.60 -6.33
CA SER A 270 -12.26 -7.60 -4.88
C SER A 270 -12.95 -6.38 -4.28
N ALA A 271 -13.47 -5.49 -5.13
CA ALA A 271 -14.16 -4.26 -4.75
C ALA A 271 -15.66 -4.50 -4.60
N ILE A 272 -16.30 -3.62 -3.82
CA ILE A 272 -17.75 -3.57 -3.66
C ILE A 272 -18.47 -3.58 -5.01
N GLY A 273 -19.64 -4.21 -5.04
CA GLY A 273 -20.47 -4.35 -6.22
C GLY A 273 -20.05 -5.41 -7.21
N ASP A 274 -18.88 -6.03 -7.06
CA ASP A 274 -18.46 -6.97 -8.09
C ASP A 274 -19.26 -8.27 -7.98
N PRO A 275 -19.84 -8.75 -9.08
CA PRO A 275 -20.67 -9.95 -8.99
C PRO A 275 -19.88 -11.23 -8.71
N GLU A 276 -18.56 -11.24 -8.95
CA GLU A 276 -17.75 -12.42 -8.68
C GLU A 276 -17.25 -12.45 -7.25
N GLY A 277 -16.74 -11.33 -6.75
CA GLY A 277 -16.16 -11.29 -5.43
C GLY A 277 -17.18 -11.22 -4.32
N GLU A 278 -18.25 -10.47 -4.56
CA GLU A 278 -19.24 -10.11 -3.54
C GLU A 278 -18.57 -9.63 -2.25
N MET A 279 -17.47 -8.88 -2.41
CA MET A 279 -16.89 -8.23 -1.24
C MET A 279 -17.41 -6.80 -1.10
N CYS A 280 -17.02 -6.15 0.01
CA CYS A 280 -17.61 -4.87 0.44
C CYS A 280 -16.58 -3.76 0.59
N ALA A 281 -15.36 -3.97 0.11
CA ALA A 281 -14.34 -2.95 0.22
C ALA A 281 -14.60 -1.83 -0.78
N LEU A 282 -14.43 -0.58 -0.33
CA LEU A 282 -14.66 0.60 -1.16
C LEU A 282 -13.55 0.77 -2.18
N PRO A 283 -13.83 1.43 -3.31
CA PRO A 283 -12.75 1.76 -4.25
C PRO A 283 -11.58 2.49 -3.61
N GLU A 284 -11.81 3.29 -2.56
CA GLU A 284 -10.71 4.02 -1.92
C GLU A 284 -9.67 3.12 -1.28
N ILE A 285 -10.02 1.87 -0.94
CA ILE A 285 -9.04 1.04 -0.24
C ILE A 285 -7.85 0.72 -1.14
N PHE A 286 -8.06 0.67 -2.45
CA PHE A 286 -6.95 0.44 -3.37
C PHE A 286 -5.98 1.62 -3.42
N ALA A 287 -6.43 2.80 -3.02
CA ALA A 287 -5.49 3.90 -2.85
C ALA A 287 -4.54 3.61 -1.72
N HIS A 288 -5.01 2.91 -0.70
CA HIS A 288 -4.15 2.59 0.44
C HIS A 288 -3.33 1.33 0.21
N LEU A 289 -3.93 0.29 -0.37
CA LEU A 289 -3.16 -0.89 -0.78
C LEU A 289 -1.95 -0.48 -1.61
N THR A 290 -2.18 0.38 -2.60
CA THR A 290 -1.07 0.90 -3.41
C THR A 290 -0.08 1.67 -2.56
N HIS A 291 -0.58 2.65 -1.79
CA HIS A 291 0.27 3.51 -0.97
C HIS A 291 1.14 2.72 0.01
N LEU A 292 0.57 1.69 0.67
CA LEU A 292 1.32 0.98 1.69
C LEU A 292 2.46 0.15 1.11
N LEU A 293 2.41 -0.21 -0.16
CA LEU A 293 3.51 -0.94 -0.80
C LEU A 293 4.56 -0.04 -1.44
N MET A 294 4.28 1.25 -1.60
CA MET A 294 5.18 2.07 -2.38
C MET A 294 6.53 2.38 -1.72
N PRO A 295 6.67 2.35 -0.38
CA PRO A 295 8.03 2.44 0.18
C PRO A 295 8.94 1.30 -0.23
N LEU A 296 8.41 0.17 -0.67
CA LEU A 296 9.22 -1.00 -1.03
C LEU A 296 9.94 -0.79 -2.35
N ALA A 297 11.10 -1.45 -2.49
CA ALA A 297 11.87 -1.44 -3.74
C ALA A 297 12.07 -0.03 -4.30
N ALA A 298 12.29 0.94 -3.41
CA ALA A 298 12.45 2.34 -3.84
C ALA A 298 11.32 2.78 -4.78
N GLY A 299 10.10 2.28 -4.53
CA GLY A 299 8.94 2.68 -5.28
C GLY A 299 8.76 2.02 -6.62
N LYS A 300 9.61 1.06 -6.98
CA LYS A 300 9.54 0.37 -8.26
C LYS A 300 8.39 -0.63 -8.23
N MET A 301 7.27 -0.25 -8.84
CA MET A 301 6.01 -0.97 -8.67
C MET A 301 5.31 -0.99 -10.00
N CYS A 302 5.00 -2.19 -10.47
CA CYS A 302 4.34 -2.47 -11.74
C CYS A 302 2.95 -3.02 -11.45
N VAL A 303 1.93 -2.21 -11.65
CA VAL A 303 0.55 -2.64 -11.43
C VAL A 303 0.00 -3.20 -12.74
N VAL A 304 -0.52 -4.42 -12.69
CA VAL A 304 -1.01 -5.09 -13.90
C VAL A 304 -2.46 -5.49 -13.67
N LEU A 305 -3.33 -5.08 -14.59
CA LEU A 305 -4.74 -5.37 -14.45
C LEU A 305 -5.01 -6.86 -14.62
N GLU A 306 -5.80 -7.43 -13.70
CA GLU A 306 -6.26 -8.80 -13.80
C GLU A 306 -7.77 -8.76 -14.06
N GLY A 307 -8.61 -9.06 -13.08
CA GLY A 307 -10.04 -9.07 -13.26
C GLY A 307 -10.70 -7.82 -12.72
N GLY A 308 -12.05 -7.85 -12.71
CA GLY A 308 -12.87 -6.73 -12.24
C GLY A 308 -14.04 -6.52 -13.18
N PHE A 309 -15.27 -6.74 -12.69
CA PHE A 309 -16.40 -6.93 -13.60
C PHE A 309 -17.60 -6.03 -13.34
N ASN A 310 -17.62 -5.28 -12.25
CA ASN A 310 -18.61 -4.21 -12.07
C ASN A 310 -18.01 -2.96 -12.71
N LEU A 311 -18.57 -2.53 -13.84
CA LEU A 311 -17.90 -1.51 -14.64
C LEU A 311 -17.70 -0.22 -13.85
N THR A 312 -18.61 0.07 -12.92
CA THR A 312 -18.49 1.29 -12.11
C THR A 312 -17.36 1.17 -11.11
N SER A 313 -17.40 0.14 -10.25
CA SER A 313 -16.36 0.01 -9.23
C SER A 313 -14.99 -0.28 -9.85
N LEU A 314 -14.95 -0.89 -11.03
CA LEU A 314 -13.67 -1.08 -11.70
C LEU A 314 -13.03 0.27 -12.06
N GLY A 315 -13.79 1.16 -12.68
CA GLY A 315 -13.25 2.46 -13.05
C GLY A 315 -12.78 3.27 -11.85
N GLN A 316 -13.62 3.31 -10.80
CA GLN A 316 -13.22 4.06 -9.61
C GLN A 316 -12.00 3.45 -8.95
N SER A 317 -11.90 2.12 -8.96
CA SER A 317 -10.78 1.50 -8.27
C SER A 317 -9.47 1.71 -9.06
N VAL A 318 -9.56 1.69 -10.38
CA VAL A 318 -8.39 1.97 -11.21
C VAL A 318 -7.89 3.39 -10.96
N CYS A 319 -8.82 4.35 -10.89
CA CYS A 319 -8.45 5.74 -10.60
C CYS A 319 -7.75 5.88 -9.26
N GLN A 320 -8.31 5.24 -8.23
CA GLN A 320 -7.71 5.35 -6.91
C GLN A 320 -6.28 4.84 -6.93
N THR A 321 -6.02 3.79 -7.70
CA THR A 321 -4.67 3.23 -7.81
C THR A 321 -3.71 4.20 -8.52
N VAL A 322 -4.10 4.71 -9.69
CA VAL A 322 -3.21 5.61 -10.43
C VAL A 322 -2.95 6.89 -9.65
N HIS A 323 -4.01 7.46 -9.05
CA HIS A 323 -3.85 8.57 -8.11
C HIS A 323 -2.73 8.29 -7.12
N SER A 324 -2.72 7.08 -6.53
CA SER A 324 -1.68 6.77 -5.55
C SER A 324 -0.32 6.61 -6.23
N LEU A 325 -0.27 6.00 -7.41
CA LEU A 325 1.00 5.90 -8.13
C LEU A 325 1.57 7.28 -8.44
N LEU A 326 0.71 8.27 -8.70
CA LEU A 326 1.12 9.63 -9.01
C LEU A 326 1.45 10.43 -7.76
N GLY A 327 1.30 9.85 -6.57
CA GLY A 327 1.62 10.53 -5.33
C GLY A 327 0.53 11.43 -4.79
N ASP A 328 -0.65 11.44 -5.40
CA ASP A 328 -1.73 12.27 -4.92
C ASP A 328 -2.15 11.86 -3.49
N PRO A 329 -2.73 12.78 -2.72
CA PRO A 329 -3.04 12.46 -1.32
C PRO A 329 -4.11 11.38 -1.22
N THR A 330 -3.91 10.47 -0.27
CA THR A 330 -4.83 9.36 -0.01
C THR A 330 -6.16 9.85 0.57
N PRO A 331 -7.26 9.18 0.26
CA PRO A 331 -8.53 9.54 0.91
C PRO A 331 -8.57 9.00 2.33
N ARG A 332 -9.27 9.72 3.19
CA ARG A 332 -9.45 9.23 4.55
C ARG A 332 -10.44 8.08 4.59
N ILE A 333 -10.09 7.04 5.34
CA ILE A 333 -10.92 5.84 5.47
C ILE A 333 -11.59 5.90 6.84
N SER A 334 -12.92 6.08 6.83
CA SER A 334 -13.71 6.13 8.06
C SER A 334 -14.28 4.76 8.41
N GLY A 335 -14.68 4.59 9.66
CA GLY A 335 -15.42 3.41 10.07
C GLY A 335 -14.61 2.12 10.09
N LEU A 336 -13.30 2.20 10.26
CA LEU A 336 -12.48 1.02 10.38
C LEU A 336 -12.55 0.45 11.80
N GLY A 337 -12.35 -0.86 11.90
CA GLY A 337 -12.30 -1.57 13.17
C GLY A 337 -11.79 -3.00 13.01
N THR A 338 -12.26 -3.90 13.88
CA THR A 338 -11.82 -5.30 13.82
C THR A 338 -12.18 -5.93 12.48
N ALA A 339 -11.29 -6.78 11.98
CA ALA A 339 -11.68 -7.74 10.97
C ALA A 339 -12.76 -8.68 11.52
N CYS A 340 -13.62 -9.20 10.65
CA CYS A 340 -14.62 -10.14 11.14
C CYS A 340 -13.95 -11.44 11.61
N ASP A 341 -14.74 -12.30 12.28
CA ASP A 341 -14.18 -13.51 12.87
C ASP A 341 -13.62 -14.44 11.79
N SER A 342 -14.31 -14.54 10.66
CA SER A 342 -13.81 -15.42 9.60
C SER A 342 -12.45 -14.94 9.10
N ALA A 343 -12.33 -13.63 8.84
CA ALA A 343 -11.06 -13.05 8.43
C ALA A 343 -9.99 -13.24 9.49
N LEU A 344 -10.37 -13.13 10.77
CA LEU A 344 -9.38 -13.29 11.83
C LEU A 344 -8.90 -14.73 11.92
N GLU A 345 -9.79 -15.69 11.66
CA GLU A 345 -9.38 -17.09 11.60
C GLU A 345 -8.38 -17.33 10.48
N SER A 346 -8.67 -16.80 9.28
CA SER A 346 -7.74 -16.93 8.17
C SER A 346 -6.39 -16.32 8.53
N ILE A 347 -6.43 -15.11 9.10
CA ILE A 347 -5.21 -14.38 9.42
C ILE A 347 -4.37 -15.14 10.44
N GLN A 348 -5.03 -15.70 11.46
CA GLN A 348 -4.29 -16.37 12.51
C GLN A 348 -3.73 -17.69 12.03
N ASN A 349 -4.45 -18.39 11.15
CA ASN A 349 -3.97 -19.64 10.58
C ASN A 349 -2.78 -19.40 9.66
N VAL A 350 -2.86 -18.36 8.83
CA VAL A 350 -1.76 -18.00 7.95
C VAL A 350 -0.51 -17.67 8.76
N ARG A 351 -0.66 -16.79 9.75
CA ARG A 351 0.48 -16.38 10.55
C ARG A 351 1.11 -17.56 11.25
N ASN A 352 0.28 -18.51 11.73
CA ASN A 352 0.82 -19.67 12.43
C ASN A 352 1.54 -20.61 11.47
N VAL A 353 0.99 -20.84 10.27
CA VAL A 353 1.69 -21.76 9.36
C VAL A 353 2.96 -21.10 8.81
N GLN A 354 2.98 -19.77 8.70
CA GLN A 354 4.17 -19.09 8.19
C GLN A 354 5.17 -18.75 9.27
N SER A 355 4.86 -19.09 10.55
CA SER A 355 5.78 -18.78 11.65
C SER A 355 7.08 -19.58 11.56
N SER A 356 7.13 -20.62 10.74
CA SER A 356 8.38 -21.34 10.57
C SER A 356 9.38 -20.56 9.72
N TYR A 357 8.90 -19.61 8.92
CA TYR A 357 9.72 -19.05 7.84
C TYR A 357 10.01 -17.57 7.97
N TRP A 358 9.27 -16.85 8.79
CA TRP A 358 9.33 -15.40 8.80
C TRP A 358 9.56 -14.92 10.23
N SER A 359 10.51 -13.97 10.37
CA SER A 359 10.84 -13.44 11.70
C SER A 359 9.64 -12.75 12.35
N SER A 360 8.81 -12.08 11.55
CA SER A 360 7.71 -11.32 12.14
C SER A 360 6.69 -12.23 12.82
N PHE A 361 6.72 -13.53 12.51
CA PHE A 361 5.79 -14.52 13.04
C PHE A 361 6.46 -15.53 13.97
N LYS A 362 7.79 -15.45 14.15
CA LYS A 362 8.53 -16.50 14.86
C LYS A 362 8.15 -16.57 16.33
N HIS A 363 7.73 -15.46 16.93
CA HIS A 363 7.27 -15.52 18.31
C HIS A 363 6.03 -16.40 18.47
N LEU A 364 5.32 -16.73 17.39
CA LEU A 364 4.13 -17.58 17.48
C LEU A 364 4.45 -19.07 17.68
N ALA A 365 5.71 -19.49 17.48
CA ALA A 365 6.02 -20.91 17.43
C ALA A 365 6.37 -21.53 18.78
N GLN A 366 6.65 -20.73 19.81
CA GLN A 366 7.10 -21.25 21.10
C GLN A 366 6.22 -20.73 22.22
N SER A 367 6.06 -21.53 23.28
CA SER A 367 5.19 -21.12 24.37
C SER A 367 5.76 -19.93 25.11
N GLU A 368 7.09 -19.89 25.29
CA GLU A 368 7.71 -18.74 25.94
C GLU A 368 7.47 -17.45 25.16
N THR A 369 7.51 -17.55 23.82
CA THR A 369 7.32 -16.36 22.98
C THR A 369 5.85 -16.04 22.79
N ASN A 370 5.06 -17.03 22.36
CA ASN A 370 3.60 -16.95 22.24
C ASN A 370 3.03 -18.22 21.59
N ASP A 401 -29.34 -3.69 -7.46
CA ASP A 401 -27.91 -3.83 -7.21
C ASP A 401 -27.43 -2.88 -6.11
N ILE A 402 -26.28 -3.18 -5.52
CA ILE A 402 -25.73 -2.33 -4.46
C ILE A 402 -25.27 -1.01 -5.06
N VAL A 403 -25.29 0.03 -4.22
CA VAL A 403 -24.82 1.36 -4.56
C VAL A 403 -23.95 1.83 -3.40
N TRP A 404 -23.00 2.70 -3.68
CA TRP A 404 -22.10 3.27 -2.69
C TRP A 404 -21.71 4.66 -3.13
N PRO A 405 -21.22 5.50 -2.21
CA PRO A 405 -20.90 6.89 -2.57
C PRO A 405 -19.75 6.99 -3.56
N GLU A 406 -19.84 7.98 -4.44
CA GLU A 406 -18.76 8.24 -5.37
C GLU A 406 -17.55 8.78 -4.60
N PRO A 407 -16.35 8.26 -4.84
CA PRO A 407 -15.17 8.74 -4.10
C PRO A 407 -15.00 10.24 -4.26
N LEU A 408 -14.51 10.88 -3.20
CA LEU A 408 -14.23 12.31 -3.23
C LEU A 408 -12.98 12.57 -4.07
N LYS A 409 -12.77 13.84 -4.41
CA LYS A 409 -11.75 14.22 -5.38
C LYS A 409 -10.38 14.31 -4.71
N ARG A 410 -9.38 13.68 -5.32
CA ARG A 410 -8.03 13.68 -4.81
C ARG A 410 -7.21 14.71 -5.60
N MET A 411 -6.65 15.68 -4.90
CA MET A 411 -6.09 16.87 -5.51
C MET A 411 -4.61 16.98 -5.14
N PRO A 412 -3.68 16.84 -6.08
CA PRO A 412 -2.28 17.13 -5.75
C PRO A 412 -2.13 18.57 -5.27
N ALA A 413 -1.42 18.73 -4.16
CA ALA A 413 -1.19 20.07 -3.61
C ALA A 413 -0.36 20.91 -4.57
N SER A 414 -0.74 22.19 -4.69
CA SER A 414 0.00 23.13 -5.55
C SER A 414 1.49 23.05 -5.29
N VAL A 415 1.89 23.23 -4.03
CA VAL A 415 3.18 22.79 -3.52
C VAL A 415 2.92 21.76 -2.44
N ARG A 416 3.69 20.67 -2.48
CA ARG A 416 3.41 19.56 -1.57
C ARG A 416 3.86 19.89 -0.15
N THR A 417 5.13 20.26 0.02
CA THR A 417 5.76 20.39 1.33
C THR A 417 6.34 21.79 1.49
N VAL A 418 6.09 22.40 2.65
CA VAL A 418 6.72 23.65 3.06
C VAL A 418 7.74 23.33 4.15
N VAL A 419 8.87 24.03 4.13
CA VAL A 419 9.95 23.73 5.05
C VAL A 419 10.45 25.03 5.65
N VAL A 420 10.74 25.01 6.95
CA VAL A 420 11.25 26.18 7.66
C VAL A 420 12.54 25.78 8.34
N PRO A 421 13.68 25.84 7.66
CA PRO A 421 14.96 25.60 8.33
C PRO A 421 15.25 26.71 9.30
N PRO A 422 16.27 26.57 10.15
CA PRO A 422 16.62 27.67 11.04
C PRO A 422 16.96 28.92 10.26
N PRO A 423 16.80 30.10 10.84
CA PRO A 423 17.12 31.33 10.13
C PRO A 423 18.55 31.32 9.59
N GLY A 424 18.71 31.70 8.34
CA GLY A 424 19.99 31.72 7.66
C GLY A 424 20.27 30.52 6.77
N VAL A 425 19.61 29.38 7.04
CA VAL A 425 19.89 28.14 6.34
C VAL A 425 18.98 28.04 5.12
N GLU A 426 19.57 28.09 3.94
CA GLU A 426 18.88 27.74 2.71
C GLU A 426 19.32 26.33 2.31
N LEU A 427 18.41 25.60 1.65
CA LEU A 427 18.72 24.22 1.30
C LEU A 427 18.16 23.85 -0.07
N THR A 428 18.80 22.85 -0.67
CA THR A 428 18.33 22.26 -1.92
C THR A 428 17.03 21.51 -1.66
N LEU A 429 15.96 21.94 -2.32
CA LEU A 429 14.65 21.32 -2.18
C LEU A 429 14.17 20.74 -3.50
N PRO A 430 13.40 19.65 -3.47
CA PRO A 430 12.75 19.16 -4.68
C PRO A 430 11.85 20.22 -5.29
N LYS A 431 11.53 20.04 -6.57
CA LYS A 431 10.73 21.03 -7.30
C LYS A 431 9.34 21.22 -6.71
N ASN A 432 8.92 20.36 -5.78
CA ASN A 432 7.60 20.46 -5.15
C ASN A 432 7.70 20.76 -3.66
N CYS A 433 8.73 21.49 -3.26
CA CYS A 433 8.89 21.99 -1.90
C CYS A 433 9.27 23.47 -1.94
N GLN A 434 8.79 24.22 -0.95
CA GLN A 434 9.09 25.64 -0.80
C GLN A 434 9.46 25.96 0.64
N HIS A 435 10.31 26.98 0.80
CA HIS A 435 10.44 27.64 2.10
C HIS A 435 9.14 28.39 2.40
N SER A 436 8.97 28.75 3.68
CA SER A 436 7.74 29.45 4.15
C SER A 436 7.16 30.46 3.16
N ASP A 438 8.05 33.59 6.67
CA ASP A 438 7.30 34.72 6.10
C ASP A 438 5.98 34.98 6.85
N ILE A 439 6.08 35.43 8.10
CA ILE A 439 4.91 35.55 8.95
C ILE A 439 4.08 36.75 8.52
N SER A 440 2.82 36.50 8.17
CA SER A 440 1.90 37.58 7.83
C SER A 440 1.49 38.34 9.09
N GLU A 441 0.99 39.56 8.89
CA GLU A 441 0.67 40.42 10.03
C GLU A 441 -0.46 39.83 10.85
N SER A 442 -1.46 39.23 10.18
CA SER A 442 -2.55 38.58 10.90
C SER A 442 -2.03 37.48 11.81
N THR A 443 -1.13 36.64 11.30
CA THR A 443 -0.54 35.58 12.09
C THR A 443 0.32 36.15 13.21
N ALA A 444 1.06 37.22 12.92
CA ALA A 444 1.89 37.86 13.94
C ALA A 444 1.05 38.36 15.11
N LYS A 445 -0.15 38.88 14.82
CA LYS A 445 -1.06 39.25 15.90
C LYS A 445 -1.56 38.02 16.64
N GLU A 446 -1.90 36.95 15.91
CA GLU A 446 -2.35 35.72 16.55
C GLU A 446 -1.28 35.16 17.48
N VAL A 447 -0.01 35.23 17.08
CA VAL A 447 1.07 34.80 17.99
C VAL A 447 1.17 35.75 19.17
N GLN A 448 0.88 37.03 18.96
CA GLN A 448 0.91 38.00 20.06
C GLN A 448 -0.20 37.72 21.07
N ARG A 449 -1.42 37.50 20.57
CA ARG A 449 -2.52 37.08 21.43
C ARG A 449 -2.15 35.85 22.25
N ILE A 450 -1.56 34.84 21.59
CA ILE A 450 -1.30 33.57 22.27
C ILE A 450 -0.23 33.74 23.34
N ARG A 451 0.75 34.62 23.11
CA ARG A 451 1.71 34.93 24.17
C ARG A 451 1.08 35.77 25.27
N ASP A 452 0.17 36.67 24.89
CA ASP A 452 -0.50 37.51 25.88
C ASP A 452 -1.24 36.66 26.90
N LYS A 453 -1.83 35.54 26.46
CA LYS A 453 -2.67 34.73 27.33
C LYS A 453 -1.89 33.64 28.05
N HIS A 454 -1.26 32.73 27.30
CA HIS A 454 -0.74 31.51 27.89
C HIS A 454 0.74 31.55 28.27
N PHE A 455 1.53 32.44 27.68
CA PHE A 455 2.98 32.52 27.97
C PHE A 455 3.36 33.98 28.21
N HIS A 456 3.38 34.39 29.47
CA HIS A 456 3.74 35.77 29.80
C HIS A 456 5.23 36.01 29.69
N ASP A 457 6.02 35.30 30.51
CA ASP A 457 7.44 35.58 30.65
C ASP A 457 8.28 34.97 29.54
N LEU A 458 7.74 34.92 28.32
CA LEU A 458 8.45 34.41 27.15
C LEU A 458 8.58 35.53 26.14
N THR A 459 9.82 35.88 25.78
CA THR A 459 10.07 36.96 24.84
C THR A 459 11.21 36.67 23.86
N ASP A 460 11.80 35.47 23.89
CA ASP A 460 12.78 35.07 22.89
C ASP A 460 12.22 35.30 21.50
N GLN A 461 12.87 36.19 20.75
CA GLN A 461 12.32 36.65 19.47
C GLN A 461 12.21 35.52 18.45
N ASN A 462 13.05 34.48 18.56
CA ASN A 462 13.00 33.43 17.54
C ASN A 462 12.19 32.21 17.96
N ILE A 463 12.22 31.78 19.21
CA ILE A 463 11.24 30.75 19.55
C ILE A 463 9.83 31.31 19.58
N LEU A 464 9.65 32.58 19.24
CA LEU A 464 8.38 33.15 18.86
C LEU A 464 8.23 33.34 17.35
N ARG A 465 9.34 33.37 16.60
CA ARG A 465 9.21 33.20 15.16
C ARG A 465 8.82 31.76 14.84
N SER A 466 9.29 30.81 15.65
CA SER A 466 8.88 29.41 15.53
C SER A 466 7.36 29.30 15.53
N LEU A 467 6.70 29.97 16.48
CA LEU A 467 5.25 29.88 16.57
C LEU A 467 4.57 30.58 15.40
N GLY A 468 5.18 31.65 14.88
CA GLY A 468 4.65 32.24 13.66
C GLY A 468 4.84 31.33 12.45
N ASN A 469 5.94 30.58 12.44
CA ASN A 469 6.14 29.58 11.40
C ASN A 469 5.11 28.47 11.53
N ILE A 470 5.05 27.85 12.71
CA ILE A 470 4.12 26.75 12.95
C ILE A 470 2.70 27.13 12.56
N ILE A 471 2.26 28.32 12.98
CA ILE A 471 0.86 28.69 12.73
C ILE A 471 0.64 28.99 11.26
N SER A 472 1.61 29.64 10.61
CA SER A 472 1.43 29.97 9.20
C SER A 472 1.47 28.72 8.32
N VAL A 473 2.34 27.76 8.65
CA VAL A 473 2.38 26.54 7.84
C VAL A 473 1.13 25.68 8.10
N LEU A 474 0.59 25.68 9.33
CA LEU A 474 -0.62 24.93 9.60
C LEU A 474 -1.80 25.48 8.80
N ASP A 475 -1.91 26.80 8.70
CA ASP A 475 -3.04 27.39 8.00
C ASP A 475 -3.02 27.05 6.52
N ARG A 476 -1.82 27.04 5.91
CA ARG A 476 -1.75 26.62 4.51
C ARG A 476 -2.16 25.17 4.35
N MET A 477 -1.69 24.31 5.27
CA MET A 477 -2.08 22.90 5.21
C MET A 477 -3.58 22.72 5.37
N MET A 478 -4.17 23.36 6.38
CA MET A 478 -5.57 23.08 6.71
C MET A 478 -6.54 23.85 5.83
N ARG A 479 -6.23 25.11 5.49
CA ARG A 479 -7.23 26.00 4.92
C ARG A 479 -7.27 25.99 3.40
N SER A 480 -6.41 25.22 2.74
CA SER A 480 -6.44 25.15 1.30
C SER A 480 -5.77 23.87 0.83
N ASP A 481 -6.18 23.43 -0.37
CA ASP A 481 -5.46 22.41 -1.10
C ASP A 481 -4.13 22.92 -1.65
N GLU A 482 -3.76 24.15 -1.32
CA GLU A 482 -2.50 24.72 -1.76
C GLU A 482 -1.32 23.87 -1.29
N VAL A 483 -1.19 23.72 0.03
CA VAL A 483 -0.12 22.97 0.66
C VAL A 483 -0.69 21.69 1.25
N CYS A 484 0.11 20.63 1.23
CA CYS A 484 -0.28 19.35 1.82
C CYS A 484 0.33 19.13 3.21
N ASN A 485 1.67 19.16 3.34
CA ASN A 485 2.33 18.93 4.62
C ASN A 485 3.49 19.91 4.77
N GLY A 486 4.29 19.74 5.82
CA GLY A 486 5.38 20.66 6.08
C GLY A 486 6.24 20.22 7.25
N CYS A 487 7.41 20.85 7.37
CA CYS A 487 8.32 20.56 8.47
C CYS A 487 8.93 21.85 9.00
N VAL A 488 8.95 22.02 10.32
CA VAL A 488 9.51 23.20 10.97
C VAL A 488 10.56 22.78 11.98
N VAL A 489 11.74 23.41 11.93
CA VAL A 489 12.75 23.24 12.97
C VAL A 489 12.45 24.19 14.12
N VAL A 490 12.50 23.66 15.35
CA VAL A 490 12.09 24.41 16.55
C VAL A 490 13.16 24.24 17.62
N SER A 491 13.04 25.06 18.67
CA SER A 491 14.00 25.08 19.77
C SER A 491 13.40 24.58 21.08
N ASP A 492 12.38 25.27 21.60
CA ASP A 492 11.68 24.85 22.80
C ASP A 492 10.53 23.94 22.38
N LEU A 493 10.62 22.66 22.76
CA LEU A 493 9.61 21.70 22.36
C LEU A 493 8.22 22.06 22.88
N SER A 494 8.11 22.35 24.18
CA SER A 494 6.80 22.39 24.82
C SER A 494 5.91 23.50 24.25
N VAL A 495 6.44 24.72 24.18
CA VAL A 495 5.65 25.83 23.63
C VAL A 495 5.31 25.57 22.16
N SER A 496 6.24 24.97 21.42
CA SER A 496 6.00 24.67 20.02
C SER A 496 4.90 23.62 19.88
N VAL A 497 5.00 22.53 20.63
CA VAL A 497 4.00 21.46 20.52
C VAL A 497 2.63 21.97 20.94
N GLN A 498 2.59 22.69 22.07
CA GLN A 498 1.33 23.19 22.61
C GLN A 498 0.61 24.08 21.60
N CYS A 499 1.35 24.98 20.96
CA CYS A 499 0.74 25.89 20.01
C CYS A 499 0.31 25.17 18.73
N ALA A 500 1.14 24.22 18.26
CA ALA A 500 0.75 23.42 17.10
C ALA A 500 -0.53 22.64 17.35
N LEU A 501 -0.57 21.89 18.47
CA LEU A 501 -1.71 21.05 18.75
C LEU A 501 -2.97 21.88 18.98
N GLN A 502 -2.87 22.94 19.78
CA GLN A 502 -4.05 23.77 20.06
C GLN A 502 -4.52 24.52 18.83
N HIS A 503 -3.59 24.99 17.99
CA HIS A 503 -4.03 25.64 16.77
C HIS A 503 -4.67 24.64 15.82
N ALA A 504 -4.23 23.38 15.87
CA ALA A 504 -4.86 22.34 15.06
C ALA A 504 -6.29 22.08 15.52
N LEU A 505 -6.49 21.94 16.83
CA LEU A 505 -7.78 21.51 17.35
C LEU A 505 -8.86 22.57 17.19
N THR A 506 -8.50 23.84 17.10
CA THR A 506 -9.49 24.90 16.99
C THR A 506 -9.53 25.52 15.59
N GLU A 507 -9.00 24.82 14.58
CA GLU A 507 -9.10 25.19 13.17
C GLU A 507 -10.48 24.95 12.56
N PRO A 508 -11.20 23.86 12.91
CA PRO A 508 -10.87 22.69 13.74
C PRO A 508 -10.60 21.41 12.95
N ALA A 509 -9.70 20.59 13.49
CA ALA A 509 -9.47 19.22 13.05
C ALA A 509 -9.89 18.29 14.19
N GLU A 510 -10.92 17.48 13.94
CA GLU A 510 -11.55 16.75 15.04
C GLU A 510 -10.53 15.93 15.82
N ARG A 511 -9.61 15.26 15.12
CA ARG A 511 -8.66 14.39 15.79
C ARG A 511 -7.27 14.60 15.22
N VAL A 512 -6.28 14.44 16.09
CA VAL A 512 -4.88 14.67 15.78
C VAL A 512 -4.08 13.50 16.30
N LEU A 513 -3.37 12.83 15.40
CA LEU A 513 -2.43 11.79 15.82
C LEU A 513 -1.08 12.46 16.07
N VAL A 514 -0.53 12.22 17.23
CA VAL A 514 0.75 12.80 17.63
C VAL A 514 1.74 11.66 17.69
N VAL A 515 2.86 11.78 16.98
CA VAL A 515 3.91 10.78 16.94
C VAL A 515 5.16 11.44 17.49
N TYR A 516 5.62 10.98 18.65
CA TYR A 516 6.71 11.62 19.36
C TYR A 516 7.85 10.63 19.56
N VAL A 517 9.00 10.92 18.97
CA VAL A 517 10.24 10.22 19.28
C VAL A 517 11.00 11.12 20.25
N GLY A 518 11.15 10.65 21.47
CA GLY A 518 11.70 11.46 22.54
C GLY A 518 11.26 10.91 23.87
N ASP A 519 11.80 11.51 24.94
CA ASP A 519 11.69 10.91 26.26
C ASP A 519 10.92 11.72 27.28
N GLY A 520 10.63 12.99 27.04
CA GLY A 520 9.92 13.80 28.01
C GLY A 520 8.45 13.45 28.10
N GLU A 521 7.72 14.31 28.80
CA GLU A 521 6.27 14.31 28.78
C GLU A 521 5.83 15.59 28.09
N LEU A 522 5.10 15.44 27.00
CA LEU A 522 4.68 16.56 26.20
C LEU A 522 3.50 17.27 26.85
N PRO A 523 3.25 18.53 26.51
CA PRO A 523 1.98 19.16 26.89
C PRO A 523 0.82 18.67 26.04
N VAL A 524 0.48 17.39 26.19
CA VAL A 524 -0.55 16.74 25.37
C VAL A 524 -1.54 16.05 26.30
N LYS A 525 -2.81 16.37 26.16
CA LYS A 525 -3.89 15.73 26.92
C LYS A 525 -4.58 14.71 26.02
N THR A 526 -4.64 13.46 26.48
CA THR A 526 -5.30 12.39 25.74
C THR A 526 -6.53 11.89 26.47
N ASN A 527 -7.19 12.77 27.22
CA ASN A 527 -8.34 12.36 28.01
C ASN A 527 -9.61 13.02 27.47
N ASP A 528 -9.84 12.92 26.17
CA ASP A 528 -11.08 13.44 25.60
C ASP A 528 -11.38 12.83 24.23
N GLY A 529 -10.49 11.96 23.74
CA GLY A 529 -10.69 11.32 22.47
C GLY A 529 -10.32 12.14 21.24
N LYS A 530 -9.82 13.36 21.41
CA LYS A 530 -9.37 14.13 20.25
C LYS A 530 -7.95 13.78 19.84
N VAL A 531 -7.15 13.19 20.71
CA VAL A 531 -5.73 12.98 20.46
C VAL A 531 -5.37 11.53 20.77
N PHE A 532 -4.69 10.87 19.83
CA PHE A 532 -3.94 9.66 20.13
C PHE A 532 -2.45 9.97 20.06
N LEU A 533 -1.71 9.55 21.09
CA LEU A 533 -0.29 9.79 21.23
C LEU A 533 0.48 8.48 21.07
N VAL A 534 1.32 8.39 20.03
CA VAL A 534 2.35 7.37 19.92
C VAL A 534 3.66 7.98 20.41
N GLN A 535 4.37 7.24 21.27
CA GLN A 535 5.65 7.72 21.79
C GLN A 535 6.70 6.63 21.69
N ILE A 536 7.78 6.90 20.96
CA ILE A 536 8.91 5.98 20.87
C ILE A 536 10.01 6.59 21.71
N CYS A 537 10.33 5.92 22.83
CA CYS A 537 11.21 6.50 23.83
C CYS A 537 12.20 5.44 24.30
N THR A 538 13.21 5.90 25.04
CA THR A 538 14.27 5.03 25.53
C THR A 538 14.04 4.55 26.96
N LYS A 539 13.23 5.25 27.74
CA LYS A 539 12.95 4.86 29.11
C LYS A 539 11.64 4.09 29.18
N GLU A 540 11.67 2.91 29.79
CA GLU A 540 10.50 2.05 29.83
C GLU A 540 9.43 2.64 30.74
N THR A 541 8.21 2.73 30.20
CA THR A 541 7.06 3.31 30.88
C THR A 541 5.91 2.31 30.78
N GLU A 542 4.93 2.44 31.68
CA GLU A 542 3.62 1.85 31.50
C GLU A 542 2.63 2.96 31.22
N ASP A 543 1.79 2.78 30.21
CA ASP A 543 0.71 3.70 29.94
C ASP A 543 -0.57 3.16 30.58
N LYS A 544 -1.40 4.08 31.05
CA LYS A 544 -2.59 3.70 31.81
C LYS A 544 -3.84 3.62 30.95
N CYS A 545 -3.89 4.31 29.81
CA CYS A 545 -5.15 4.48 29.09
C CYS A 545 -4.95 4.22 27.61
N VAL A 546 -6.05 3.98 26.91
CA VAL A 546 -6.02 3.35 25.60
C VAL A 546 -5.88 4.38 24.48
N ASN A 547 -5.47 5.60 24.81
CA ASN A 547 -5.22 6.59 23.77
C ASN A 547 -3.76 7.00 23.76
N ARG A 548 -2.91 6.14 24.33
CA ARG A 548 -1.47 6.30 24.31
C ARG A 548 -0.84 4.95 24.01
N LEU A 549 0.21 4.97 23.17
CA LEU A 549 0.97 3.79 22.83
C LEU A 549 2.44 4.15 23.02
N THR A 550 3.05 3.55 24.04
CA THR A 550 4.40 3.90 24.49
C THR A 550 5.33 2.73 24.21
N LEU A 551 6.21 2.91 23.23
CA LEU A 551 7.12 1.87 22.77
C LEU A 551 8.54 2.21 23.20
N CYS A 552 9.10 1.39 24.08
CA CYS A 552 10.47 1.53 24.52
C CYS A 552 11.27 0.35 23.98
N LEU A 553 12.05 0.60 22.93
CA LEU A 553 12.85 -0.45 22.29
C LEU A 553 14.28 -0.40 22.78
N ARG A 554 14.87 -1.58 23.00
CA ARG A 554 16.26 -1.66 23.42
C ARG A 554 17.20 -1.33 22.27
N GLU A 555 18.14 -0.41 22.52
CA GLU A 555 19.03 0.08 21.48
C GLU A 555 20.07 -0.97 21.10
N GLY A 556 20.46 -0.96 19.83
CA GLY A 556 21.39 -1.92 19.29
C GLY A 556 21.06 -2.17 17.83
N GLU A 557 21.74 -3.18 17.26
CA GLU A 557 21.43 -3.65 15.91
C GLU A 557 20.04 -4.28 15.83
N SER A 558 19.38 -4.49 16.97
CA SER A 558 17.99 -4.93 16.96
C SER A 558 17.05 -3.83 16.48
N LEU A 559 17.43 -2.58 16.70
CA LEU A 559 16.48 -1.47 16.78
C LEU A 559 15.62 -1.33 15.52
N THR A 560 16.18 -1.60 14.34
CA THR A 560 15.46 -1.28 13.11
C THR A 560 14.35 -2.27 12.81
N ALA A 561 14.65 -3.57 12.87
CA ALA A 561 13.60 -4.56 12.66
C ALA A 561 12.52 -4.43 13.73
N GLY A 562 12.92 -4.18 14.98
CA GLY A 562 11.94 -3.96 16.03
C GLY A 562 11.01 -2.80 15.71
N PHE A 563 11.59 -1.65 15.33
CA PHE A 563 10.75 -0.49 15.03
C PHE A 563 9.78 -0.79 13.89
N MET A 564 10.28 -1.41 12.82
CA MET A 564 9.41 -1.67 11.68
C MET A 564 8.28 -2.63 12.07
N GLN A 565 8.59 -3.60 12.92
CA GLN A 565 7.53 -4.46 13.44
C GLN A 565 6.46 -3.65 14.16
N ALA A 566 6.88 -2.72 15.03
CA ALA A 566 5.93 -1.89 15.75
C ALA A 566 5.14 -1.01 14.80
N LEU A 567 5.81 -0.41 13.82
CA LEU A 567 5.13 0.44 12.85
C LEU A 567 4.03 -0.30 12.13
N LEU A 568 4.35 -1.48 11.59
CA LEU A 568 3.39 -2.20 10.75
C LEU A 568 2.31 -2.86 11.59
N GLY A 569 2.67 -3.38 12.76
CA GLY A 569 1.74 -4.23 13.50
C GLY A 569 0.96 -3.54 14.60
N LEU A 570 1.40 -2.34 14.99
CA LEU A 570 0.81 -1.58 16.09
C LEU A 570 0.42 -0.17 15.66
N ILE A 571 1.39 0.60 15.15
CA ILE A 571 1.17 2.04 14.97
C ILE A 571 0.18 2.29 13.85
N LEU A 572 0.44 1.73 12.67
CA LEU A 572 -0.48 1.88 11.55
C LEU A 572 -1.87 1.34 11.85
N PRO A 573 -2.05 0.13 12.42
CA PRO A 573 -3.41 -0.30 12.77
C PRO A 573 -4.18 0.70 13.60
N VAL A 574 -3.59 1.22 14.68
CA VAL A 574 -4.32 2.18 15.51
C VAL A 574 -4.57 3.47 14.75
N ALA A 575 -3.57 3.95 14.02
CA ALA A 575 -3.69 5.22 13.31
C ALA A 575 -4.85 5.18 12.32
N TYR A 576 -4.93 4.10 11.55
CA TYR A 576 -5.99 3.96 10.56
C TYR A 576 -7.36 3.94 11.22
N GLU A 577 -7.47 3.29 12.38
CA GLU A 577 -8.77 3.26 13.03
C GLU A 577 -9.12 4.61 13.64
N PHE A 578 -8.14 5.24 14.29
CA PHE A 578 -8.33 6.57 14.83
C PHE A 578 -8.75 7.57 13.74
N ASN A 579 -8.19 7.44 12.53
CA ASN A 579 -8.55 8.30 11.40
C ASN A 579 -8.35 9.77 11.75
N PRO A 580 -7.13 10.22 12.04
CA PRO A 580 -6.93 11.62 12.41
C PRO A 580 -7.14 12.54 11.21
N ALA A 581 -7.36 13.82 11.51
CA ALA A 581 -7.41 14.84 10.47
C ALA A 581 -6.09 15.56 10.31
N LEU A 582 -5.17 15.39 11.25
CA LEU A 582 -3.82 15.91 11.14
C LEU A 582 -2.89 14.97 11.89
N VAL A 583 -1.68 14.81 11.38
CA VAL A 583 -0.62 14.07 12.06
C VAL A 583 0.44 15.06 12.51
N LEU A 584 0.81 15.00 13.79
CA LEU A 584 1.85 15.85 14.36
C LEU A 584 3.03 14.96 14.70
N GLY A 585 4.10 15.09 13.93
CA GLY A 585 5.36 14.40 14.21
C GLY A 585 6.30 15.31 14.99
N ILE A 586 7.02 14.72 15.94
CA ILE A 586 7.86 15.46 16.88
C ILE A 586 9.09 14.63 17.19
N VAL A 587 10.26 15.24 17.03
CA VAL A 587 11.54 14.57 17.27
C VAL A 587 12.39 15.48 18.14
N GLU A 588 12.77 14.99 19.33
CA GLU A 588 13.59 15.81 20.20
C GLU A 588 15.06 15.68 19.82
N GLU A 589 15.86 16.67 20.25
CA GLU A 589 17.21 16.86 19.73
C GLU A 589 18.07 15.61 19.88
N THR A 590 17.85 14.81 20.92
CA THR A 590 18.59 13.55 21.05
C THR A 590 18.16 12.55 19.98
N LEU A 596 16.59 4.01 15.78
CA LEU A 596 15.84 5.06 15.12
C LEU A 596 16.65 5.68 14.00
N MET A 597 16.15 6.83 13.52
CA MET A 597 16.56 7.58 12.34
C MET A 597 16.44 6.75 11.05
N ARG A 598 17.18 5.64 10.95
CA ARG A 598 17.21 4.81 9.74
C ARG A 598 15.81 4.55 9.19
N VAL A 599 14.83 4.48 10.07
CA VAL A 599 13.47 4.13 9.74
C VAL A 599 12.56 5.34 9.56
N TRP A 600 13.05 6.56 9.85
CA TRP A 600 12.17 7.71 9.94
C TRP A 600 11.53 8.05 8.59
N GLY A 601 12.21 7.78 7.49
CA GLY A 601 11.62 8.02 6.18
C GLY A 601 10.50 7.06 5.86
N HIS A 602 10.63 5.79 6.28
CA HIS A 602 9.56 4.84 6.08
C HIS A 602 8.32 5.23 6.85
N MET A 603 8.50 5.61 8.12
CA MET A 603 7.36 6.06 8.91
C MET A 603 6.70 7.27 8.28
N THR A 604 7.49 8.29 7.91
CA THR A 604 6.93 9.51 7.35
C THR A 604 6.16 9.21 6.07
N CYS A 605 6.71 8.35 5.21
CA CYS A 605 5.99 7.93 4.03
C CYS A 605 4.71 7.19 4.39
N LEU A 606 4.80 6.18 5.25
CA LEU A 606 3.62 5.34 5.53
C LEU A 606 2.55 6.13 6.27
N ILE A 607 2.94 6.98 7.21
CA ILE A 607 1.95 7.74 7.97
C ILE A 607 1.15 8.69 7.09
N GLN A 608 1.62 9.00 5.87
CA GLN A 608 0.84 9.88 4.99
C GLN A 608 -0.41 9.22 4.42
N GLY A 609 -0.61 7.93 4.67
CA GLY A 609 -1.94 7.36 4.43
C GLY A 609 -3.01 7.95 5.33
N LEU A 610 -2.63 8.55 6.45
CA LEU A 610 -3.59 9.19 7.33
C LEU A 610 -3.76 10.68 7.01
N ALA A 611 -4.97 11.19 7.23
CA ALA A 611 -5.28 12.62 7.20
C ALA A 611 -4.98 13.25 5.85
N ARG A 612 -5.15 12.48 4.77
CA ARG A 612 -4.85 12.93 3.41
C ARG A 612 -3.43 13.48 3.32
N GLY A 613 -2.50 12.86 4.04
CA GLY A 613 -1.11 13.27 3.95
C GLY A 613 -0.77 14.55 4.68
N ARG A 614 -1.72 15.16 5.39
CA ARG A 614 -1.46 16.39 6.14
C ARG A 614 -0.68 16.03 7.40
N MET A 615 0.63 16.21 7.36
CA MET A 615 1.49 15.97 8.50
C MET A 615 2.37 17.20 8.73
N LEU A 616 2.53 17.58 9.99
CA LEU A 616 3.43 18.63 10.42
C LEU A 616 4.51 18.00 11.26
N THR A 617 5.76 18.09 10.83
CA THR A 617 6.89 17.55 11.56
C THR A 617 7.66 18.68 12.25
N LEU A 618 7.91 18.52 13.54
CA LEU A 618 8.65 19.49 14.34
C LEU A 618 9.98 18.84 14.71
N LEU A 619 11.07 19.32 14.12
CA LEU A 619 12.40 18.83 14.45
C LEU A 619 13.05 19.80 15.43
N GLN A 620 13.36 19.33 16.63
CA GLN A 620 14.01 20.16 17.62
C GLN A 620 15.51 20.16 17.37
N GLY A 621 16.05 21.33 16.99
CA GLY A 621 17.47 21.43 16.71
C GLY A 621 17.81 21.01 15.30
N TYR A 622 18.70 21.76 14.66
CA TYR A 622 19.01 21.58 13.25
C TYR A 622 19.91 20.37 13.05
N ASP A 623 19.40 19.36 12.36
CA ASP A 623 20.19 18.28 11.79
C ASP A 623 19.98 18.34 10.28
N LYS A 624 21.09 18.49 9.53
CA LYS A 624 20.98 18.69 8.09
C LYS A 624 20.34 17.48 7.41
N ASP A 625 20.75 16.29 7.78
CA ASP A 625 20.33 15.10 7.05
C ASP A 625 18.98 14.56 7.51
N LEU A 626 18.66 14.65 8.81
CA LEU A 626 17.31 14.29 9.24
C LEU A 626 16.28 15.21 8.61
N LEU A 627 16.54 16.52 8.62
CA LEU A 627 15.65 17.46 7.95
C LEU A 627 15.56 17.16 6.46
N GLU A 628 16.69 16.82 5.84
CA GLU A 628 16.69 16.50 4.41
C GLU A 628 15.93 15.21 4.14
N LEU A 629 16.11 14.21 5.01
CA LEU A 629 15.35 12.97 4.89
C LEU A 629 13.86 13.23 5.10
N THR A 630 13.51 13.97 6.16
CA THR A 630 12.09 14.27 6.43
C THR A 630 11.43 14.93 5.21
N VAL A 631 12.08 15.92 4.63
CA VAL A 631 11.44 16.65 3.54
C VAL A 631 11.34 15.78 2.30
N SER A 632 12.37 14.97 2.05
CA SER A 632 12.30 14.00 0.96
C SER A 632 11.04 13.15 1.07
N ALA A 633 10.85 12.49 2.22
CA ALA A 633 9.72 11.59 2.37
C ALA A 633 8.39 12.35 2.43
N LEU A 634 8.38 13.53 3.06
CA LEU A 634 7.16 14.32 3.06
C LEU A 634 6.78 14.76 1.65
N SER A 635 7.77 14.93 0.78
CA SER A 635 7.51 15.44 -0.56
C SER A 635 7.10 14.34 -1.53
N GLY A 636 7.09 13.08 -1.10
CA GLY A 636 6.71 12.00 -1.97
C GLY A 636 7.85 11.38 -2.76
N ALA A 637 9.09 11.67 -2.40
CA ALA A 637 10.23 11.06 -3.09
C ALA A 637 10.37 9.59 -2.68
N SER A 638 11.13 8.85 -3.49
CA SER A 638 11.41 7.45 -3.18
C SER A 638 12.11 7.34 -1.85
N ILE A 639 11.83 6.24 -1.15
CA ILE A 639 12.44 5.92 0.14
C ILE A 639 13.54 4.88 -0.12
N SER A 640 14.74 5.13 0.39
CA SER A 640 15.80 4.15 0.24
C SER A 640 15.45 2.86 0.98
N PRO A 641 15.77 1.70 0.42
CA PRO A 641 15.39 0.44 1.08
C PRO A 641 16.19 0.22 2.34
N LEU A 642 15.60 -0.55 3.25
CA LEU A 642 16.25 -0.86 4.52
C LEU A 642 17.23 -2.00 4.41
N GLY A 643 17.15 -2.78 3.34
CA GLY A 643 17.81 -4.06 3.27
C GLY A 643 16.94 -5.11 3.92
N PRO A 644 17.18 -6.39 3.61
CA PRO A 644 16.44 -7.46 4.30
C PRO A 644 16.64 -7.36 5.81
N LEU A 645 15.55 -7.60 6.56
CA LEU A 645 15.54 -7.39 8.00
C LEU A 645 15.96 -8.65 8.75
N ARG A 646 16.84 -8.48 9.73
CA ARG A 646 17.15 -9.52 10.69
C ARG A 646 15.97 -9.69 11.65
N ALA A 647 16.17 -10.51 12.71
CA ALA A 647 15.03 -10.61 13.61
C ALA A 647 15.15 -9.61 14.75
N PRO A 648 14.02 -9.11 15.25
CA PRO A 648 14.05 -8.22 16.41
C PRO A 648 14.33 -9.02 17.68
N LYS A 649 14.77 -8.29 18.71
CA LYS A 649 15.01 -8.92 19.99
C LYS A 649 13.71 -9.50 20.53
N PRO A 650 13.73 -10.71 21.09
CA PRO A 650 12.50 -11.27 21.68
C PRO A 650 11.91 -10.40 22.78
N GLU A 651 12.75 -9.65 23.50
CA GLU A 651 12.26 -8.71 24.50
C GLU A 651 11.41 -7.62 23.85
N ASP A 652 11.79 -7.17 22.67
CA ASP A 652 11.00 -6.14 22.00
C ASP A 652 9.67 -6.70 21.49
N VAL A 653 9.68 -7.91 20.93
CA VAL A 653 8.43 -8.54 20.51
C VAL A 653 7.47 -8.64 21.69
N GLU A 654 7.98 -9.11 22.83
CA GLU A 654 7.15 -9.22 24.02
C GLU A 654 6.54 -7.88 24.40
N MET A 655 7.37 -6.83 24.48
CA MET A 655 6.84 -5.49 24.76
C MET A 655 5.71 -5.13 23.81
N MET A 656 5.86 -5.48 22.53
CA MET A 656 4.86 -5.08 21.54
C MET A 656 3.57 -5.89 21.67
N GLU A 657 3.67 -7.19 21.92
CA GLU A 657 2.45 -7.98 22.06
C GLU A 657 1.70 -7.61 23.33
N LYS A 658 2.42 -7.27 24.40
CA LYS A 658 1.76 -6.73 25.59
C LYS A 658 1.01 -5.45 25.26
N GLN A 659 1.61 -4.57 24.45
CA GLN A 659 0.88 -3.43 23.92
C GLN A 659 -0.38 -3.86 23.18
N ARG A 660 -0.26 -4.86 22.31
CA ARG A 660 -1.42 -5.31 21.55
C ARG A 660 -2.53 -5.78 22.48
N GLN A 661 -2.20 -6.65 23.45
CA GLN A 661 -3.21 -7.17 24.37
C GLN A 661 -3.89 -6.03 25.11
N ARG A 662 -3.12 -5.01 25.50
CA ARG A 662 -3.64 -3.87 26.24
C ARG A 662 -4.56 -2.99 25.40
N LEU A 663 -4.37 -2.96 24.08
CA LEU A 663 -5.07 -1.96 23.27
C LEU A 663 -6.11 -2.53 22.31
N GLN A 664 -6.08 -3.82 22.02
CA GLN A 664 -6.89 -4.33 20.91
C GLN A 664 -8.38 -4.41 21.26
N GLU A 665 -8.74 -4.41 22.54
CA GLU A 665 -10.14 -4.31 22.90
C GLU A 665 -10.71 -2.97 22.45
N ARG A 666 -9.93 -1.90 22.61
CA ARG A 666 -10.37 -0.61 22.12
C ARG A 666 -10.16 -0.45 20.61
N TRP A 667 -9.00 -0.87 20.11
CA TRP A 667 -8.63 -0.66 18.72
C TRP A 667 -8.57 -2.03 18.05
N GLY A 668 -9.72 -2.45 17.48
CA GLY A 668 -9.85 -3.82 17.03
C GLY A 668 -9.04 -4.14 15.79
N LEU A 669 -8.73 -3.11 14.97
CA LEU A 669 -7.82 -3.33 13.85
C LEU A 669 -6.45 -3.86 14.29
N LEU A 670 -6.15 -3.83 15.59
CA LEU A 670 -4.94 -4.46 16.10
C LEU A 670 -5.01 -5.98 16.10
N ARG A 671 -6.20 -6.57 16.00
CA ARG A 671 -6.35 -8.01 16.22
C ARG A 671 -5.79 -8.80 15.06
N CYS A 672 -5.00 -9.81 15.38
CA CYS A 672 -4.58 -10.80 14.40
C CYS A 672 -4.86 -12.21 14.92
N THR A 673 -5.86 -12.35 15.80
CA THR A 673 -6.36 -13.61 16.30
C THR A 673 -7.86 -13.49 16.53
N VAL A 674 -8.55 -14.62 16.51
CA VAL A 674 -9.93 -14.62 16.97
C VAL A 674 -9.96 -14.43 18.48
N SER A 675 -10.85 -13.56 18.96
CA SER A 675 -10.98 -13.32 20.39
C SER A 675 -11.71 -14.46 21.09
N GLU A 676 -11.40 -14.63 22.37
CA GLU A 676 -12.07 -15.65 23.18
C GLU A 676 -13.54 -15.30 23.37
N SER A 677 -14.40 -16.28 23.11
CA SER A 677 -15.81 -16.16 23.40
C SER A 677 -16.09 -16.41 24.88
N TRP A 678 -17.12 -15.74 25.40
CA TRP A 678 -17.56 -15.98 26.77
C TRP A 678 -18.31 -17.30 26.84
#